data_5IAA
#
_entry.id   5IAA
#
_cell.length_a   138.081
_cell.length_b   138.081
_cell.length_c   99.178
_cell.angle_alpha   90.00
_cell.angle_beta   90.00
_cell.angle_gamma   120.00
#
_symmetry.space_group_name_H-M   'P 32 2 1'
#
loop_
_entity.id
_entity.type
_entity.pdbx_description
1 polymer 'Ubiquitin-like modifier-activating enzyme 5'
2 polymer 'Ubiquitin-fold modifier 1'
3 non-polymer 'ZINC ION'
4 water water
#
loop_
_entity_poly.entity_id
_entity_poly.type
_entity_poly.pdbx_seq_one_letter_code
_entity_poly.pdbx_strand_id
1 'polypeptide(L)'
;MALKRMGIVSDYEKIRTFAVAIVGVGGVGSVTAEMLTRCGIGKLLLFDYDKVELANMNRLFFQPHQAGLSKVQAAEHTLR
NINPDVLFEVHNYNITTVENFQHFMDRISNGGLEEGKPVDLVLSCVDNFEARMTINTACNELGQTWMESGVSENAVSGHI
QLIIPGESACFACAPPLVVAANIDEKTLKREGVCAASLPTTMGVVAGILVQNVLKFLLNFGTVSFYLGYNAMQDFFPTMS
MKPNPQCDDRNCRKQQEEYKKKVAALPKQEVIQEEEEIIHEDNEWGIELV
;
A,B
2 'polypeptide(L)'
;MSKVSFKITLTSDPRLPYKVLSVPESTPFTAVLKFAAEEFKVPAATSAIITNDGIGINPAQTAGNVFLKHGSELRIIPRD
RVG
;
C,D
#
# COMPACT_ATOMS: atom_id res chain seq x y z
N TYR A 12 -15.18 -11.92 -8.47
CA TYR A 12 -16.41 -12.48 -9.08
C TYR A 12 -17.65 -11.57 -8.89
N GLU A 13 -18.66 -11.74 -9.76
CA GLU A 13 -20.01 -11.12 -9.69
C GLU A 13 -20.85 -11.32 -8.38
N LYS A 14 -20.32 -12.08 -7.43
CA LYS A 14 -20.74 -11.98 -6.07
C LYS A 14 -20.63 -10.51 -5.59
N ILE A 15 -19.60 -9.77 -6.06
CA ILE A 15 -19.37 -8.34 -5.62
C ILE A 15 -20.61 -7.46 -5.83
N ARG A 16 -21.36 -7.74 -6.90
CA ARG A 16 -22.59 -7.00 -7.19
C ARG A 16 -23.72 -7.23 -6.19
N THR A 17 -23.62 -8.29 -5.37
CA THR A 17 -24.63 -8.63 -4.37
C THR A 17 -24.43 -7.93 -3.03
N PHE A 18 -23.41 -7.06 -2.89
CA PHE A 18 -23.06 -6.46 -1.62
C PHE A 18 -23.22 -4.94 -1.58
N ALA A 19 -23.50 -4.44 -0.37
CA ALA A 19 -23.64 -3.05 -0.09
C ALA A 19 -22.62 -2.59 0.98
N VAL A 20 -21.97 -1.47 0.74
CA VAL A 20 -21.01 -0.89 1.64
C VAL A 20 -21.34 0.55 1.97
N ALA A 21 -21.41 0.90 3.27
CA ALA A 21 -21.57 2.24 3.71
C ALA A 21 -20.20 2.82 3.92
N ILE A 22 -19.97 4.04 3.44
CA ILE A 22 -18.73 4.80 3.67
C ILE A 22 -19.07 6.08 4.43
N VAL A 23 -18.45 6.31 5.62
CA VAL A 23 -18.58 7.57 6.37
C VAL A 23 -17.29 8.39 6.22
N GLY A 24 -17.42 9.56 5.61
CA GLY A 24 -16.35 10.50 5.38
C GLY A 24 -15.98 10.24 3.96
N VAL A 25 -16.17 11.23 3.10
CA VAL A 25 -15.88 11.13 1.70
C VAL A 25 -14.87 12.21 1.33
N GLY A 26 -13.88 12.39 2.21
CA GLY A 26 -12.77 13.27 1.99
C GLY A 26 -11.71 12.45 1.29
N GLY A 27 -10.46 12.64 1.67
CA GLY A 27 -9.39 11.98 0.98
C GLY A 27 -9.48 10.48 0.86
N VAL A 28 -9.51 9.81 2.02
CA VAL A 28 -9.54 8.37 2.02
C VAL A 28 -10.83 7.88 1.46
N GLY A 29 -11.97 8.41 1.96
CA GLY A 29 -13.24 7.81 1.54
C GLY A 29 -13.57 8.00 0.04
N SER A 30 -13.17 9.14 -0.56
CA SER A 30 -13.52 9.41 -1.94
C SER A 30 -12.79 8.41 -2.87
N VAL A 31 -11.54 8.11 -2.56
CA VAL A 31 -10.76 7.11 -3.34
C VAL A 31 -11.31 5.68 -3.16
N THR A 32 -11.66 5.38 -1.90
CA THR A 32 -12.25 4.15 -1.53
C THR A 32 -13.57 3.94 -2.28
N ALA A 33 -14.40 5.02 -2.33
CA ALA A 33 -15.65 4.96 -3.08
C ALA A 33 -15.40 4.68 -4.58
N GLU A 34 -14.41 5.36 -5.16
CA GLU A 34 -14.07 5.18 -6.55
C GLU A 34 -13.64 3.70 -6.82
N MET A 35 -12.79 3.15 -5.96
CA MET A 35 -12.30 1.79 -6.14
C MET A 35 -13.40 0.78 -6.09
N LEU A 36 -14.27 0.91 -5.08
CA LEU A 36 -15.41 -0.02 -5.04
C LEU A 36 -16.40 0.13 -6.17
N THR A 37 -16.60 1.35 -6.63
CA THR A 37 -17.47 1.62 -7.76
C THR A 37 -16.92 0.89 -9.00
N ARG A 38 -15.64 1.09 -9.24
CA ARG A 38 -14.94 0.38 -10.35
C ARG A 38 -14.92 -1.14 -10.24
N CYS A 39 -14.87 -1.66 -9.03
CA CYS A 39 -15.00 -3.12 -8.77
C CYS A 39 -16.39 -3.71 -9.02
N GLY A 40 -17.42 -2.88 -9.13
CA GLY A 40 -18.79 -3.33 -9.38
C GLY A 40 -19.55 -3.73 -8.13
N ILE A 41 -19.26 -3.09 -6.99
CA ILE A 41 -20.07 -3.21 -5.76
C ILE A 41 -21.55 -2.99 -6.08
N GLY A 42 -22.45 -3.77 -5.44
CA GLY A 42 -23.85 -3.58 -5.73
C GLY A 42 -24.32 -2.18 -5.40
N LYS A 43 -23.94 -1.70 -4.21
CA LYS A 43 -24.43 -0.43 -3.70
C LYS A 43 -23.45 0.24 -2.75
N LEU A 44 -23.31 1.57 -2.86
CA LEU A 44 -22.65 2.35 -1.85
C LEU A 44 -23.63 3.32 -1.16
N LEU A 45 -23.47 3.44 0.16
CA LEU A 45 -24.12 4.47 0.95
C LEU A 45 -23.06 5.43 1.40
N LEU A 46 -23.25 6.70 1.08
CA LEU A 46 -22.25 7.72 1.41
C LEU A 46 -22.76 8.70 2.44
N PHE A 47 -21.98 8.89 3.50
CA PHE A 47 -22.36 9.82 4.59
C PHE A 47 -21.27 10.81 4.85
N ASP A 48 -21.56 12.08 4.61
CA ASP A 48 -20.62 13.18 4.94
C ASP A 48 -21.38 14.47 5.05
N TYR A 49 -20.83 15.44 5.76
CA TYR A 49 -21.46 16.77 5.83
C TYR A 49 -20.70 17.91 5.23
N ASP A 50 -19.40 17.76 5.06
CA ASP A 50 -18.61 18.89 4.54
C ASP A 50 -18.94 19.16 3.08
N LYS A 51 -18.60 20.38 2.65
CA LYS A 51 -18.62 20.73 1.24
C LYS A 51 -17.23 20.55 0.63
N VAL A 52 -17.22 20.56 -0.70
CA VAL A 52 -15.99 20.53 -1.46
C VAL A 52 -15.45 21.94 -1.42
N GLU A 53 -14.13 22.08 -1.28
CA GLU A 53 -13.48 23.40 -1.11
C GLU A 53 -12.21 23.53 -1.95
N LEU A 54 -11.95 24.73 -2.48
CA LEU A 54 -10.67 25.04 -3.15
C LEU A 54 -9.45 24.92 -2.21
N ALA A 55 -9.65 25.17 -0.92
CA ALA A 55 -8.59 25.02 0.12
C ALA A 55 -7.97 23.60 0.21
N ASN A 56 -8.55 22.72 1.03
CA ASN A 56 -8.12 21.31 1.10
C ASN A 56 -8.64 20.57 -0.13
N LEU A 60 -7.66 15.83 -3.51
CA LEU A 60 -7.90 14.40 -3.86
C LEU A 60 -9.37 14.07 -4.26
N PHE A 61 -9.52 13.32 -5.36
CA PHE A 61 -10.83 13.00 -6.04
C PHE A 61 -11.60 14.21 -6.65
N PHE A 62 -11.99 15.20 -5.83
CA PHE A 62 -12.86 16.25 -6.34
C PHE A 62 -12.17 17.15 -7.39
N GLN A 63 -12.97 17.76 -8.26
CA GLN A 63 -12.46 18.70 -9.27
C GLN A 63 -12.82 20.10 -8.83
N PRO A 64 -12.05 21.12 -9.27
CA PRO A 64 -12.32 22.53 -8.97
C PRO A 64 -13.76 23.04 -9.18
N HIS A 65 -14.36 22.73 -10.32
CA HIS A 65 -15.75 23.17 -10.65
C HIS A 65 -16.83 22.57 -9.69
N GLN A 66 -16.43 21.67 -8.81
CA GLN A 66 -17.34 21.07 -7.83
C GLN A 66 -17.34 21.79 -6.48
N ALA A 67 -16.41 22.74 -6.29
CA ALA A 67 -16.35 23.64 -5.12
C ALA A 67 -17.73 24.13 -4.72
N GLY A 68 -18.08 23.99 -3.44
CA GLY A 68 -19.32 24.51 -2.98
C GLY A 68 -20.40 23.46 -3.03
N LEU A 69 -20.18 22.33 -3.72
CA LEU A 69 -21.20 21.24 -3.68
C LEU A 69 -20.93 20.44 -2.43
N SER A 70 -21.93 19.67 -2.01
CA SER A 70 -21.73 18.81 -0.86
C SER A 70 -20.84 17.68 -1.35
N LYS A 71 -19.90 17.26 -0.51
CA LYS A 71 -19.02 16.19 -0.89
C LYS A 71 -19.76 14.94 -1.34
N VAL A 72 -20.85 14.59 -0.66
CA VAL A 72 -21.57 13.37 -1.02
C VAL A 72 -22.25 13.47 -2.41
N GLN A 73 -22.81 14.64 -2.74
CA GLN A 73 -23.45 14.84 -4.05
C GLN A 73 -22.45 14.86 -5.18
N ALA A 74 -21.35 15.57 -4.95
CA ALA A 74 -20.25 15.63 -5.91
C ALA A 74 -19.73 14.26 -6.19
N ALA A 75 -19.52 13.47 -5.13
CA ALA A 75 -19.00 12.13 -5.25
C ALA A 75 -19.98 11.26 -6.04
N GLU A 76 -21.24 11.32 -5.69
CA GLU A 76 -22.30 10.60 -6.40
C GLU A 76 -22.39 10.93 -7.92
N HIS A 77 -22.23 12.21 -8.28
CA HIS A 77 -22.31 12.66 -9.66
C HIS A 77 -21.19 12.01 -10.50
N THR A 78 -19.99 11.96 -9.95
CA THR A 78 -18.83 11.40 -10.63
C THR A 78 -18.97 9.89 -10.67
N LEU A 79 -19.30 9.29 -9.54
CA LEU A 79 -19.26 7.83 -9.45
C LEU A 79 -20.34 7.15 -10.27
N ARG A 80 -21.53 7.75 -10.35
CA ARG A 80 -22.61 7.22 -11.19
C ARG A 80 -22.20 7.08 -12.64
N ASN A 81 -21.41 8.01 -13.12
CA ASN A 81 -20.92 7.93 -14.51
C ASN A 81 -19.77 6.97 -14.74
N ILE A 82 -18.96 6.73 -13.74
CA ILE A 82 -17.89 5.75 -13.79
C ILE A 82 -18.52 4.35 -13.89
N ASN A 83 -19.50 4.05 -13.03
CA ASN A 83 -20.25 2.79 -13.22
C ASN A 83 -21.73 2.99 -12.97
N PRO A 84 -22.55 3.05 -14.05
CA PRO A 84 -23.99 3.21 -14.00
C PRO A 84 -24.77 2.05 -13.30
N ASP A 85 -24.13 0.90 -13.08
CA ASP A 85 -24.84 -0.24 -12.51
C ASP A 85 -24.75 -0.25 -11.00
N VAL A 86 -23.97 0.64 -10.38
CA VAL A 86 -23.83 0.73 -8.97
C VAL A 86 -24.98 1.62 -8.44
N LEU A 87 -25.66 1.13 -7.42
CA LEU A 87 -26.71 1.91 -6.72
C LEU A 87 -26.08 2.77 -5.68
N PHE A 88 -26.58 3.99 -5.52
CA PHE A 88 -26.02 4.99 -4.55
C PHE A 88 -27.13 5.51 -3.70
N GLU A 89 -26.93 5.54 -2.38
CA GLU A 89 -27.77 6.33 -1.46
C GLU A 89 -26.83 7.29 -0.73
N VAL A 90 -27.11 8.62 -0.69
CA VAL A 90 -26.20 9.61 -0.07
C VAL A 90 -26.93 10.45 0.98
N HIS A 91 -26.21 10.84 2.03
CA HIS A 91 -26.79 11.64 3.11
C HIS A 91 -25.76 12.66 3.52
N ASN A 92 -26.15 13.92 3.36
CA ASN A 92 -25.35 15.07 3.73
C ASN A 92 -25.73 15.50 5.14
N TYR A 93 -25.25 14.77 6.12
CA TYR A 93 -25.51 15.12 7.51
C TYR A 93 -24.39 14.61 8.42
N ASN A 94 -24.33 15.23 9.58
CA ASN A 94 -23.39 14.91 10.64
C ASN A 94 -24.02 13.81 11.48
N ILE A 95 -23.46 12.62 11.37
CA ILE A 95 -23.98 11.48 12.11
C ILE A 95 -23.84 11.49 13.63
N THR A 96 -23.07 12.42 14.19
CA THR A 96 -22.90 12.51 15.66
C THR A 96 -24.03 13.25 16.39
N THR A 97 -24.92 13.95 15.67
CA THR A 97 -26.03 14.64 16.36
C THR A 97 -27.09 13.62 16.72
N VAL A 98 -27.93 13.92 17.70
CA VAL A 98 -28.84 12.91 18.25
C VAL A 98 -29.89 12.42 17.24
N GLU A 99 -30.43 13.34 16.44
CA GLU A 99 -31.43 12.96 15.43
C GLU A 99 -30.84 12.10 14.32
N ASN A 100 -29.67 12.54 13.84
CA ASN A 100 -29.00 11.90 12.72
C ASN A 100 -28.43 10.54 13.08
N PHE A 101 -28.01 10.36 14.33
CA PHE A 101 -27.55 9.08 14.84
C PHE A 101 -28.57 7.95 14.63
N GLN A 102 -29.83 8.22 14.95
CA GLN A 102 -30.89 7.22 14.77
C GLN A 102 -31.08 6.94 13.28
N HIS A 103 -31.12 7.99 12.46
CA HIS A 103 -31.27 7.81 11.02
C HIS A 103 -30.08 6.99 10.48
N PHE A 104 -28.87 7.30 10.97
CA PHE A 104 -27.62 6.57 10.58
C PHE A 104 -27.76 5.06 10.84
N MET A 105 -28.19 4.73 12.06
CA MET A 105 -28.43 3.33 12.42
C MET A 105 -29.52 2.65 11.60
N ASP A 106 -30.60 3.37 11.37
CA ASP A 106 -31.69 2.88 10.51
C ASP A 106 -31.15 2.45 9.12
N ARG A 107 -30.34 3.33 8.51
CA ARG A 107 -29.79 3.08 7.18
C ARG A 107 -28.71 1.99 7.13
N ILE A 108 -27.86 1.87 8.15
CA ILE A 108 -26.99 0.70 8.31
C ILE A 108 -27.86 -0.58 8.37
N SER A 109 -28.95 -0.53 9.12
CA SER A 109 -29.82 -1.72 9.33
C SER A 109 -30.71 -2.11 8.17
N ASN A 110 -31.12 -1.13 7.37
CA ASN A 110 -32.10 -1.34 6.29
C ASN A 110 -31.66 -0.93 4.90
N GLY A 111 -30.55 -0.22 4.82
CA GLY A 111 -30.06 0.30 3.53
C GLY A 111 -29.09 -0.58 2.75
N GLY A 112 -29.07 -1.87 3.01
CA GLY A 112 -28.42 -2.86 2.18
C GLY A 112 -28.92 -2.93 0.74
N LEU A 113 -28.38 -3.88 -0.02
CA LEU A 113 -28.59 -3.94 -1.48
C LEU A 113 -30.03 -4.20 -1.77
N GLU A 114 -30.61 -5.05 -0.93
CA GLU A 114 -32.02 -5.25 -0.77
C GLU A 114 -32.51 -4.42 0.45
N GLU A 115 -33.40 -3.47 0.20
CA GLU A 115 -33.95 -2.61 1.22
C GLU A 115 -34.62 -3.50 2.29
N GLY A 116 -34.42 -3.14 3.57
CA GLY A 116 -34.87 -4.01 4.71
C GLY A 116 -33.75 -4.95 5.21
N LYS A 117 -32.62 -5.06 4.50
CA LYS A 117 -31.48 -5.87 4.95
C LYS A 117 -30.33 -4.90 5.33
N PRO A 118 -29.44 -5.32 6.22
CA PRO A 118 -28.36 -4.42 6.60
C PRO A 118 -27.30 -4.33 5.51
N VAL A 119 -26.53 -3.27 5.54
CA VAL A 119 -25.32 -3.19 4.75
C VAL A 119 -24.33 -4.30 5.15
N ASP A 120 -23.43 -4.66 4.22
CA ASP A 120 -22.51 -5.74 4.52
C ASP A 120 -21.32 -5.27 5.32
N LEU A 121 -20.98 -4.00 5.17
CA LEU A 121 -19.85 -3.38 5.81
C LEU A 121 -20.07 -1.91 5.93
N VAL A 122 -19.59 -1.34 7.04
CA VAL A 122 -19.42 0.08 7.16
C VAL A 122 -17.91 0.38 7.13
N LEU A 123 -17.52 1.44 6.45
CA LEU A 123 -16.17 1.91 6.41
C LEU A 123 -16.12 3.28 7.06
N SER A 124 -15.20 3.43 7.96
CA SER A 124 -14.87 4.70 8.58
C SER A 124 -13.66 5.39 7.90
N CYS A 125 -13.95 6.47 7.20
CA CYS A 125 -12.92 7.33 6.62
C CYS A 125 -13.11 8.74 7.08
N VAL A 126 -13.39 8.91 8.38
CA VAL A 126 -13.54 10.21 8.96
C VAL A 126 -12.23 10.70 9.50
N ASP A 127 -12.16 12.01 9.73
CA ASP A 127 -10.99 12.70 10.18
C ASP A 127 -10.92 13.11 11.65
N ASN A 128 -11.74 12.45 12.48
CA ASN A 128 -11.78 12.80 13.92
C ASN A 128 -12.19 11.61 14.75
N PHE A 129 -11.78 11.62 16.02
CA PHE A 129 -12.09 10.53 16.93
C PHE A 129 -13.55 10.51 17.33
N GLU A 130 -14.19 11.67 17.43
CA GLU A 130 -15.60 11.73 17.84
C GLU A 130 -16.47 10.91 16.93
N ALA A 131 -16.30 11.09 15.62
CA ALA A 131 -17.06 10.34 14.62
C ALA A 131 -16.67 8.88 14.55
N ARG A 132 -15.39 8.53 14.78
CA ARG A 132 -15.06 7.13 14.96
C ARG A 132 -15.85 6.51 16.14
N MET A 133 -15.83 7.21 17.26
CA MET A 133 -16.58 6.74 18.46
C MET A 133 -18.08 6.57 18.15
N THR A 134 -18.66 7.48 17.38
CA THR A 134 -20.07 7.38 16.96
C THR A 134 -20.36 6.13 16.13
N ILE A 135 -19.50 5.91 15.14
CA ILE A 135 -19.63 4.70 14.31
C ILE A 135 -19.50 3.45 15.19
N ASN A 136 -18.51 3.46 16.09
CA ASN A 136 -18.22 2.34 16.95
C ASN A 136 -19.46 2.02 17.83
N THR A 137 -20.03 3.09 18.34
CA THR A 137 -21.21 2.97 19.20
C THR A 137 -22.42 2.37 18.47
N ALA A 138 -22.67 2.86 17.24
CA ALA A 138 -23.69 2.26 16.37
C ALA A 138 -23.43 0.82 16.02
N CYS A 139 -22.22 0.51 15.49
CA CYS A 139 -21.84 -0.85 15.14
C CYS A 139 -21.92 -1.86 16.32
N ASN A 140 -21.50 -1.45 17.51
CA ASN A 140 -21.61 -2.31 18.69
C ASN A 140 -23.06 -2.58 19.05
N GLU A 141 -23.93 -1.57 18.95
CA GLU A 141 -25.36 -1.79 19.21
C GLU A 141 -26.01 -2.73 18.22
N LEU A 142 -25.70 -2.52 16.94
CA LEU A 142 -26.26 -3.30 15.85
C LEU A 142 -25.59 -4.64 15.56
N GLY A 143 -24.40 -4.86 16.08
CA GLY A 143 -23.61 -6.04 15.69
C GLY A 143 -23.24 -5.95 14.25
N GLN A 144 -22.78 -4.78 13.83
CA GLN A 144 -22.39 -4.56 12.42
C GLN A 144 -20.90 -4.56 12.24
N THR A 145 -20.38 -5.37 11.31
CA THR A 145 -18.96 -5.39 11.02
C THR A 145 -18.60 -4.14 10.28
N TRP A 146 -17.42 -3.59 10.61
CA TRP A 146 -16.93 -2.39 10.02
C TRP A 146 -15.41 -2.41 9.97
N MET A 147 -14.89 -1.62 9.05
CA MET A 147 -13.47 -1.30 8.94
C MET A 147 -13.19 0.17 9.21
N GLU A 148 -12.19 0.39 10.02
CA GLU A 148 -11.73 1.68 10.37
C GLU A 148 -10.43 1.96 9.66
N SER A 149 -10.27 3.23 9.30
CA SER A 149 -9.10 3.65 8.55
C SER A 149 -8.63 5.00 9.02
N GLY A 150 -7.34 5.27 8.86
CA GLY A 150 -6.81 6.54 9.19
C GLY A 150 -5.43 6.82 8.68
N VAL A 151 -5.08 8.09 8.73
CA VAL A 151 -3.82 8.61 8.22
C VAL A 151 -3.32 9.54 9.30
N SER A 152 -2.03 9.55 9.56
CA SER A 152 -1.44 10.54 10.48
C SER A 152 -1.36 11.94 9.89
N GLU A 153 -1.25 12.89 10.82
CA GLU A 153 -1.30 14.32 10.52
C GLU A 153 -0.21 14.71 9.53
N ASN A 154 0.97 14.13 9.75
CA ASN A 154 2.14 14.36 8.88
C ASN A 154 2.29 13.40 7.68
N ALA A 155 1.25 12.65 7.31
CA ALA A 155 1.29 11.68 6.16
C ALA A 155 2.35 10.60 6.22
N VAL A 156 2.98 10.38 7.36
CA VAL A 156 4.08 9.42 7.38
C VAL A 156 3.50 8.03 7.62
N SER A 157 2.24 7.94 8.05
CA SER A 157 1.73 6.73 8.62
C SER A 157 0.22 6.61 8.35
N GLY A 158 -0.27 5.38 8.39
CA GLY A 158 -1.70 5.13 8.36
C GLY A 158 -2.01 3.70 8.70
N HIS A 159 -3.29 3.37 8.82
CA HIS A 159 -3.71 1.96 9.04
C HIS A 159 -5.12 1.68 8.64
N ILE A 160 -5.42 0.40 8.60
CA ILE A 160 -6.77 -0.09 8.52
C ILE A 160 -6.95 -1.09 9.67
N GLN A 161 -8.20 -1.30 10.06
CA GLN A 161 -8.56 -2.23 11.10
C GLN A 161 -9.97 -2.80 10.87
N LEU A 162 -10.15 -4.07 11.12
CA LEU A 162 -11.41 -4.78 11.01
C LEU A 162 -11.99 -4.97 12.40
N ILE A 163 -13.14 -4.37 12.60
CA ILE A 163 -13.91 -4.52 13.83
C ILE A 163 -15.17 -5.37 13.56
N ILE A 164 -15.13 -6.60 14.06
CA ILE A 164 -16.31 -7.46 14.13
C ILE A 164 -16.72 -7.45 15.57
N PRO A 165 -17.85 -6.77 15.88
CA PRO A 165 -18.17 -6.53 17.33
C PRO A 165 -18.41 -7.81 18.08
N GLY A 166 -17.74 -7.93 19.22
CA GLY A 166 -17.62 -9.14 19.95
C GLY A 166 -16.52 -10.12 19.63
N GLU A 167 -16.03 -10.12 18.41
CA GLU A 167 -14.98 -11.05 17.90
C GLU A 167 -13.58 -10.42 17.84
N SER A 168 -13.45 -9.22 17.32
CA SER A 168 -12.23 -8.47 17.42
C SER A 168 -12.44 -7.21 18.16
N ALA A 169 -11.33 -6.63 18.55
CA ALA A 169 -11.36 -5.35 19.25
C ALA A 169 -12.21 -4.26 18.58
N CYS A 170 -13.08 -3.59 19.33
CA CYS A 170 -13.80 -2.39 18.86
C CYS A 170 -12.88 -1.17 19.10
N PHE A 171 -13.29 0.00 18.63
CA PHE A 171 -12.42 1.16 18.72
C PHE A 171 -12.27 1.70 20.13
N ALA A 172 -13.30 1.45 20.94
CA ALA A 172 -13.22 1.77 22.37
C ALA A 172 -12.45 0.75 23.20
N CYS A 173 -12.20 -0.46 22.68
CA CYS A 173 -11.39 -1.41 23.41
C CYS A 173 -9.98 -0.92 23.75
N ALA A 174 -9.36 -0.17 22.82
CA ALA A 174 -8.00 0.33 23.00
C ALA A 174 -7.98 1.81 22.63
N PRO A 175 -8.57 2.64 23.48
CA PRO A 175 -8.77 4.00 23.07
C PRO A 175 -7.44 4.74 22.99
N PRO A 176 -7.32 5.73 22.10
CA PRO A 176 -6.14 6.58 22.20
C PRO A 176 -6.21 7.39 23.44
N LEU A 177 -5.05 7.85 23.89
CA LEU A 177 -4.92 8.62 25.10
C LEU A 177 -5.99 9.73 25.26
N VAL A 178 -6.21 10.52 24.20
CA VAL A 178 -7.22 11.62 24.28
C VAL A 178 -8.66 11.18 24.51
N VAL A 179 -9.07 10.08 23.93
CA VAL A 179 -10.38 9.50 24.20
C VAL A 179 -10.42 9.01 25.66
N ALA A 180 -9.48 8.15 26.03
CA ALA A 180 -9.37 7.65 27.41
C ALA A 180 -9.29 8.74 28.47
N ALA A 181 -8.52 9.79 28.21
CA ALA A 181 -8.29 10.85 29.18
C ALA A 181 -9.29 12.01 29.07
N ASN A 182 -10.30 11.88 28.21
CA ASN A 182 -11.36 12.91 28.04
C ASN A 182 -10.81 14.30 27.71
N ILE A 183 -9.78 14.38 26.88
CA ILE A 183 -9.29 15.66 26.38
C ILE A 183 -10.03 15.95 25.08
N ASP A 184 -10.50 17.19 24.96
CA ASP A 184 -11.22 17.67 23.78
C ASP A 184 -10.26 17.71 22.57
N GLU A 185 -10.75 17.29 21.40
CA GLU A 185 -9.98 17.25 20.14
C GLU A 185 -9.71 18.69 19.67
N LYS A 186 -8.47 19.16 19.80
CA LYS A 186 -8.14 20.59 19.71
C LYS A 186 -6.82 20.91 18.96
N THR A 187 -6.46 20.07 17.98
CA THR A 187 -5.16 20.12 17.31
C THR A 187 -5.21 19.53 15.91
N CYS A 194 -1.58 21.37 4.36
CA CYS A 194 -1.22 19.98 4.64
C CYS A 194 0.13 19.59 4.01
N ALA A 195 0.73 18.50 4.54
CA ALA A 195 1.98 17.95 4.01
C ALA A 195 1.77 17.42 2.60
N ALA A 196 2.76 17.65 1.75
CA ALA A 196 2.73 17.29 0.32
C ALA A 196 2.33 15.84 0.08
N SER A 197 2.76 14.94 0.96
CA SER A 197 2.48 13.55 0.78
C SER A 197 1.10 13.13 1.31
N LEU A 198 0.26 14.00 1.90
CA LEU A 198 -1.05 13.54 2.41
C LEU A 198 -1.90 12.80 1.35
N PRO A 199 -2.10 13.38 0.15
CA PRO A 199 -2.89 12.66 -0.87
C PRO A 199 -2.38 11.23 -1.23
N THR A 200 -1.06 11.04 -1.27
CA THR A 200 -0.46 9.75 -1.54
C THR A 200 -0.69 8.70 -0.45
N THR A 201 -0.43 9.10 0.79
CA THR A 201 -0.69 8.22 1.92
C THR A 201 -2.18 7.83 1.96
N MET A 202 -3.07 8.78 1.69
CA MET A 202 -4.51 8.50 1.64
C MET A 202 -4.84 7.50 0.57
N GLY A 203 -4.22 7.64 -0.59
CA GLY A 203 -4.39 6.60 -1.61
C GLY A 203 -3.94 5.20 -1.31
N VAL A 204 -2.84 5.06 -0.58
CA VAL A 204 -2.34 3.76 -0.15
C VAL A 204 -3.28 3.15 0.82
N VAL A 205 -3.70 3.96 1.77
CA VAL A 205 -4.62 3.44 2.80
C VAL A 205 -5.94 3.04 2.18
N ALA A 206 -6.50 3.86 1.31
CA ALA A 206 -7.72 3.53 0.62
C ALA A 206 -7.62 2.23 -0.18
N GLY A 207 -6.54 2.07 -0.85
CA GLY A 207 -6.28 0.86 -1.63
C GLY A 207 -6.18 -0.42 -0.79
N ILE A 208 -5.41 -0.36 0.29
CA ILE A 208 -5.38 -1.53 1.20
C ILE A 208 -6.71 -1.71 1.96
N LEU A 209 -7.40 -0.61 2.24
CA LEU A 209 -8.74 -0.72 2.75
C LEU A 209 -9.65 -1.52 1.82
N VAL A 210 -9.78 -1.05 0.61
CA VAL A 210 -10.64 -1.74 -0.36
C VAL A 210 -10.21 -3.18 -0.62
N GLN A 211 -8.89 -3.44 -0.71
CA GLN A 211 -8.43 -4.81 -0.91
C GLN A 211 -8.94 -5.74 0.21
N ASN A 212 -8.89 -5.22 1.44
CA ASN A 212 -9.45 -5.93 2.61
C ASN A 212 -10.95 -6.12 2.54
N VAL A 213 -11.67 -5.08 2.05
CA VAL A 213 -13.10 -5.22 1.75
C VAL A 213 -13.41 -6.37 0.84
N LEU A 214 -12.66 -6.42 -0.26
CA LEU A 214 -12.88 -7.52 -1.21
C LEU A 214 -12.55 -8.87 -0.64
N LYS A 215 -11.41 -8.99 0.02
CA LYS A 215 -11.01 -10.28 0.64
C LYS A 215 -12.10 -10.78 1.60
N PHE A 216 -12.63 -9.85 2.33
CA PHE A 216 -13.69 -10.13 3.32
C PHE A 216 -15.03 -10.56 2.71
N LEU A 217 -15.51 -9.79 1.74
CA LEU A 217 -16.76 -10.05 1.06
C LEU A 217 -16.67 -11.27 0.13
N LEU A 218 -15.55 -11.45 -0.53
CA LEU A 218 -15.41 -12.47 -1.53
C LEU A 218 -14.70 -13.72 -1.04
N ASN A 219 -14.21 -13.71 0.19
CA ASN A 219 -13.53 -14.86 0.75
C ASN A 219 -12.39 -15.41 -0.07
N PHE A 220 -11.44 -14.55 -0.40
CA PHE A 220 -10.18 -14.93 -0.99
C PHE A 220 -9.06 -14.31 -0.14
N GLY A 221 -7.91 -14.98 -0.15
CA GLY A 221 -6.74 -14.53 0.61
C GLY A 221 -7.00 -14.45 2.10
N THR A 222 -6.15 -13.71 2.79
CA THR A 222 -6.26 -13.54 4.23
C THR A 222 -6.71 -12.13 4.56
N VAL A 223 -7.80 -12.02 5.32
CA VAL A 223 -8.31 -10.71 5.68
C VAL A 223 -7.41 -10.26 6.79
N SER A 224 -6.90 -9.02 6.76
CA SER A 224 -6.22 -8.45 7.94
C SER A 224 -7.18 -7.85 8.97
N PHE A 225 -6.97 -8.18 10.25
CA PHE A 225 -7.68 -7.53 11.32
C PHE A 225 -7.03 -6.19 11.60
N TYR A 226 -5.78 -6.07 11.19
CA TYR A 226 -5.09 -4.80 11.35
C TYR A 226 -3.94 -4.82 10.40
N LEU A 227 -3.78 -3.73 9.68
CA LEU A 227 -2.65 -3.51 8.77
C LEU A 227 -2.21 -2.04 8.79
N GLY A 228 -1.00 -1.81 9.27
CA GLY A 228 -0.38 -0.50 9.32
C GLY A 228 0.45 -0.23 8.10
N TYR A 229 0.75 1.05 7.89
CA TYR A 229 1.58 1.53 6.85
C TYR A 229 2.48 2.64 7.43
N ASN A 230 3.79 2.42 7.43
CA ASN A 230 4.79 3.40 7.85
C ASN A 230 5.48 3.73 6.56
N ALA A 231 5.18 4.90 6.03
CA ALA A 231 5.72 5.32 4.75
C ALA A 231 7.19 5.70 4.78
N MET A 232 7.75 5.99 5.96
CA MET A 232 9.17 6.38 6.04
C MET A 232 10.07 5.20 5.71
N GLN A 233 9.69 4.04 6.23
CA GLN A 233 10.48 2.84 6.12
C GLN A 233 9.81 1.74 5.33
N ASP A 234 8.64 2.01 4.72
CA ASP A 234 7.86 0.99 4.02
C ASP A 234 7.65 -0.27 4.81
N PHE A 235 7.09 -0.08 5.99
CA PHE A 235 6.88 -1.15 6.92
C PHE A 235 5.36 -1.27 7.14
N PHE A 236 4.83 -2.46 6.98
CA PHE A 236 3.42 -2.74 6.90
C PHE A 236 3.04 -3.82 7.94
N PRO A 237 3.02 -3.49 9.24
CA PRO A 237 2.77 -4.54 10.26
C PRO A 237 1.31 -5.01 10.29
N THR A 238 1.15 -6.32 10.44
CA THR A 238 -0.16 -6.91 10.65
C THR A 238 -0.28 -7.35 12.11
N MET A 239 -1.50 -7.35 12.59
CA MET A 239 -1.77 -7.90 13.96
C MET A 239 -3.25 -8.14 14.00
N SER A 240 -3.68 -8.73 15.10
CA SER A 240 -5.06 -9.09 15.27
C SER A 240 -5.40 -8.77 16.72
N MET A 241 -6.16 -7.71 16.95
CA MET A 241 -6.46 -7.25 18.29
C MET A 241 -7.78 -7.80 18.79
N LYS A 242 -7.73 -8.30 20.03
CA LYS A 242 -8.81 -9.02 20.61
C LYS A 242 -9.63 -8.08 21.46
N PRO A 243 -10.91 -8.45 21.66
CA PRO A 243 -11.74 -7.60 22.50
C PRO A 243 -11.29 -7.56 23.98
N ASN A 244 -11.46 -6.37 24.54
CA ASN A 244 -11.16 -6.05 25.89
C ASN A 244 -12.38 -6.48 26.73
N PRO A 245 -12.20 -7.52 27.54
CA PRO A 245 -13.35 -7.94 28.36
C PRO A 245 -13.98 -6.81 29.24
N GLN A 246 -13.20 -5.77 29.53
CA GLN A 246 -13.71 -4.66 30.33
C GLN A 246 -13.89 -3.38 29.53
N CYS A 247 -14.09 -3.52 28.20
CA CYS A 247 -14.32 -2.37 27.31
C CYS A 247 -15.41 -1.43 27.85
N ASP A 248 -15.17 -0.13 27.69
CA ASP A 248 -16.13 0.86 28.15
C ASP A 248 -17.48 0.72 27.46
N ASP A 249 -17.49 0.26 26.22
CA ASP A 249 -18.74 0.15 25.46
C ASP A 249 -19.48 -1.11 25.96
N ARG A 250 -20.57 -0.88 26.70
CA ARG A 250 -21.37 -2.01 27.19
C ARG A 250 -21.94 -2.95 26.11
N ASN A 251 -22.19 -2.41 24.91
CA ASN A 251 -22.64 -3.22 23.77
C ASN A 251 -21.51 -4.07 23.17
N CYS A 252 -20.26 -3.58 23.25
CA CYS A 252 -19.11 -4.43 22.99
C CYS A 252 -19.04 -5.63 23.91
N ARG A 253 -19.16 -5.38 25.22
CA ARG A 253 -19.19 -6.48 26.16
C ARG A 253 -20.32 -7.47 25.86
N LYS A 254 -21.52 -6.97 25.56
CA LYS A 254 -22.66 -7.86 25.23
C LYS A 254 -22.38 -8.68 23.94
N GLN A 255 -21.84 -8.01 22.94
CA GLN A 255 -21.39 -8.69 21.71
C GLN A 255 -20.34 -9.75 22.01
N GLN A 256 -19.42 -9.49 22.92
CA GLN A 256 -18.44 -10.51 23.29
C GLN A 256 -19.16 -11.75 23.87
N GLU A 257 -20.19 -11.53 24.67
CA GLU A 257 -20.96 -12.64 25.25
C GLU A 257 -21.65 -13.45 24.16
N GLU A 258 -22.22 -12.76 23.18
CA GLU A 258 -22.98 -13.38 22.10
C GLU A 258 -22.06 -14.15 21.16
N TYR A 259 -20.90 -13.58 20.89
CA TYR A 259 -19.88 -14.25 20.12
C TYR A 259 -19.44 -15.58 20.75
N LYS A 260 -19.11 -15.55 22.04
CA LYS A 260 -18.70 -16.77 22.71
C LYS A 260 -19.79 -17.85 22.63
N LYS A 261 -21.05 -17.44 22.80
CA LYS A 261 -22.19 -18.38 22.65
C LYS A 261 -22.28 -18.98 21.27
N LYS A 262 -22.13 -18.13 20.25
CA LYS A 262 -22.17 -18.52 18.83
C LYS A 262 -21.03 -19.49 18.47
N VAL A 263 -19.83 -19.24 19.00
CA VAL A 263 -18.68 -20.12 18.75
C VAL A 263 -18.91 -21.47 19.40
N ALA A 264 -19.46 -21.47 20.60
CA ALA A 264 -19.77 -22.70 21.31
C ALA A 264 -20.88 -23.50 20.58
N ALA A 265 -21.69 -22.84 19.75
CA ALA A 265 -22.76 -23.46 18.97
C ALA A 265 -22.64 -23.21 17.45
N LEU A 266 -21.44 -23.32 16.86
CA LEU A 266 -21.32 -23.33 15.36
C LEU A 266 -20.08 -23.97 14.68
N GLU A 277 -1.69 -32.47 -7.66
CA GLU A 277 -1.95 -31.08 -8.01
C GLU A 277 -1.00 -30.60 -9.12
N ILE A 278 0.30 -30.74 -8.89
CA ILE A 278 1.31 -30.05 -9.71
C ILE A 278 1.50 -30.72 -11.06
N ILE A 279 0.98 -30.09 -12.12
CA ILE A 279 1.12 -30.60 -13.51
C ILE A 279 2.25 -29.89 -14.24
N HIS A 280 3.38 -30.58 -14.40
CA HIS A 280 4.44 -30.09 -15.26
C HIS A 280 4.13 -30.38 -16.72
N GLU A 281 3.62 -29.36 -17.40
CA GLU A 281 3.57 -29.37 -18.87
C GLU A 281 4.99 -29.61 -19.40
N ASP A 282 5.21 -30.82 -19.91
CA ASP A 282 6.52 -31.37 -20.27
C ASP A 282 7.53 -31.50 -19.11
N ASN A 283 8.52 -32.36 -19.30
CA ASN A 283 9.67 -32.53 -18.40
C ASN A 283 10.79 -33.15 -19.19
N GLU A 284 11.16 -32.46 -20.26
CA GLU A 284 12.14 -32.98 -21.22
C GLU A 284 13.53 -33.23 -20.62
N TRP A 285 13.94 -32.40 -19.66
CA TRP A 285 15.33 -32.35 -19.18
C TRP A 285 15.65 -33.19 -17.94
N GLY A 286 14.70 -33.99 -17.47
CA GLY A 286 14.93 -34.83 -16.29
C GLY A 286 15.12 -34.09 -14.97
N ILE A 287 14.52 -32.91 -14.84
CA ILE A 287 14.63 -32.13 -13.61
C ILE A 287 13.85 -32.85 -12.52
N GLU A 288 14.49 -33.16 -11.40
CA GLU A 288 13.84 -33.88 -10.31
C GLU A 288 13.64 -32.97 -9.13
N LEU A 289 12.42 -32.95 -8.60
CA LEU A 289 12.12 -32.35 -7.30
C LEU A 289 12.66 -33.28 -6.22
N VAL A 290 13.70 -32.83 -5.51
CA VAL A 290 14.40 -33.64 -4.51
C VAL A 290 13.70 -33.44 -3.17
N TYR B 12 7.05 19.97 0.37
CA TYR B 12 7.45 21.38 0.15
C TYR B 12 7.43 21.78 -1.34
N GLU B 13 7.33 23.10 -1.59
CA GLU B 13 7.46 23.76 -2.95
C GLU B 13 8.73 23.52 -3.77
N LYS B 14 9.67 22.77 -3.23
CA LYS B 14 10.64 22.08 -4.05
C LYS B 14 9.95 21.22 -5.12
N ILE B 15 8.80 20.60 -4.79
CA ILE B 15 8.08 19.74 -5.73
C ILE B 15 7.77 20.42 -7.09
N ARG B 16 7.50 21.72 -7.06
CA ARG B 16 7.23 22.53 -8.26
C ARG B 16 8.47 22.69 -9.19
N THR B 17 9.66 22.39 -8.68
CA THR B 17 10.88 22.53 -9.47
C THR B 17 11.23 21.24 -10.25
N PHE B 18 10.40 20.20 -10.18
CA PHE B 18 10.76 18.93 -10.75
C PHE B 18 9.87 18.58 -11.95
N ALA B 19 10.45 17.80 -12.84
CA ALA B 19 9.75 17.17 -13.98
C ALA B 19 9.81 15.64 -13.94
N VAL B 20 8.68 14.99 -14.20
CA VAL B 20 8.58 13.53 -14.16
C VAL B 20 7.97 13.05 -15.49
N ALA B 21 8.65 12.08 -16.14
CA ALA B 21 8.09 11.44 -17.33
C ALA B 21 7.37 10.18 -16.86
N ILE B 22 6.15 9.96 -17.35
CA ILE B 22 5.38 8.76 -17.10
C ILE B 22 5.16 8.04 -18.42
N VAL B 23 5.56 6.81 -18.54
CA VAL B 23 5.28 6.01 -19.73
C VAL B 23 4.16 5.02 -19.37
N GLY B 24 3.03 5.12 -20.06
CA GLY B 24 1.85 4.24 -19.83
C GLY B 24 0.92 5.01 -18.92
N VAL B 25 -0.24 5.40 -19.43
CA VAL B 25 -1.27 6.11 -18.69
C VAL B 25 -2.54 5.28 -18.55
N GLY B 26 -2.37 3.99 -18.32
CA GLY B 26 -3.50 3.10 -18.04
C GLY B 26 -3.78 3.19 -16.56
N GLY B 27 -4.17 2.08 -15.96
CA GLY B 27 -4.54 2.04 -14.57
C GLY B 27 -3.50 2.58 -13.61
N VAL B 28 -2.29 2.05 -13.61
CA VAL B 28 -1.28 2.51 -12.68
C VAL B 28 -0.81 3.96 -13.01
N GLY B 29 -0.54 4.24 -14.28
CA GLY B 29 0.07 5.52 -14.63
C GLY B 29 -0.93 6.66 -14.49
N SER B 30 -2.21 6.41 -14.77
CA SER B 30 -3.20 7.50 -14.69
C SER B 30 -3.34 7.96 -13.22
N VAL B 31 -3.32 7.01 -12.28
CA VAL B 31 -3.45 7.33 -10.84
C VAL B 31 -2.19 8.07 -10.40
N THR B 32 -1.07 7.56 -10.86
CA THR B 32 0.21 8.13 -10.56
C THR B 32 0.31 9.58 -11.08
N ALA B 33 -0.14 9.81 -12.34
CA ALA B 33 -0.16 11.15 -12.92
C ALA B 33 -1.06 12.06 -12.06
N GLU B 34 -2.21 11.53 -11.61
CA GLU B 34 -3.13 12.32 -10.84
C GLU B 34 -2.54 12.75 -9.47
N MET B 35 -1.94 11.79 -8.77
CA MET B 35 -1.29 12.05 -7.50
C MET B 35 -0.22 13.07 -7.63
N LEU B 36 0.65 12.95 -8.63
CA LEU B 36 1.69 14.00 -8.82
C LEU B 36 1.13 15.37 -9.25
N THR B 37 0.07 15.37 -10.06
CA THR B 37 -0.59 16.64 -10.44
C THR B 37 -1.15 17.37 -9.22
N ARG B 38 -1.86 16.62 -8.39
CA ARG B 38 -2.41 17.13 -7.12
C ARG B 38 -1.35 17.62 -6.13
N CYS B 39 -0.20 16.93 -6.09
CA CYS B 39 0.99 17.35 -5.35
C CYS B 39 1.64 18.66 -5.81
N GLY B 40 1.32 19.14 -7.02
CA GLY B 40 1.95 20.33 -7.58
C GLY B 40 3.32 20.11 -8.23
N ILE B 41 3.54 18.93 -8.81
CA ILE B 41 4.76 18.66 -9.61
C ILE B 41 4.95 19.80 -10.65
N GLY B 42 6.17 20.23 -10.90
CA GLY B 42 6.38 21.26 -11.90
C GLY B 42 5.85 20.91 -13.31
N LYS B 43 6.19 19.70 -13.76
CA LYS B 43 5.85 19.23 -15.11
C LYS B 43 5.73 17.72 -15.19
N LEU B 44 4.74 17.25 -15.97
CA LEU B 44 4.64 15.87 -16.34
C LEU B 44 4.78 15.73 -17.85
N LEU B 45 5.58 14.73 -18.23
CA LEU B 45 5.70 14.28 -19.63
C LEU B 45 4.99 12.95 -19.70
N LEU B 46 3.98 12.85 -20.55
CA LEU B 46 3.19 11.60 -20.67
C LEU B 46 3.47 10.94 -22.02
N PHE B 47 3.78 9.66 -22.00
CA PHE B 47 3.97 8.91 -23.23
C PHE B 47 3.05 7.69 -23.20
N ASP B 48 2.22 7.53 -24.21
CA ASP B 48 1.44 6.27 -24.41
C ASP B 48 1.01 6.15 -25.84
N TYR B 49 0.61 4.95 -26.27
CA TYR B 49 0.26 4.70 -27.65
C TYR B 49 -1.03 3.89 -27.70
N ASP B 50 -1.94 4.20 -28.63
CA ASP B 50 -3.30 3.62 -28.60
C ASP B 50 -3.45 2.19 -29.15
N GLY B 68 -12.95 11.51 -31.15
CA GLY B 68 -11.91 10.57 -30.73
C GLY B 68 -10.60 11.24 -30.35
N LEU B 69 -10.12 10.97 -29.13
CA LEU B 69 -8.74 11.30 -28.74
C LEU B 69 -7.89 10.15 -28.22
N SER B 70 -6.58 10.40 -28.23
CA SER B 70 -5.55 9.48 -27.74
C SER B 70 -5.59 9.44 -26.22
N LYS B 71 -5.12 8.33 -25.63
CA LYS B 71 -5.06 8.21 -24.14
C LYS B 71 -4.28 9.34 -23.47
N VAL B 72 -3.16 9.75 -24.06
CA VAL B 72 -2.36 10.82 -23.43
C VAL B 72 -3.11 12.15 -23.47
N GLN B 73 -3.87 12.39 -24.53
CA GLN B 73 -4.62 13.64 -24.66
C GLN B 73 -5.81 13.68 -23.65
N ALA B 74 -6.51 12.57 -23.56
CA ALA B 74 -7.58 12.40 -22.54
C ALA B 74 -7.01 12.61 -21.14
N ALA B 75 -5.87 12.01 -20.85
CA ALA B 75 -5.25 12.12 -19.53
C ALA B 75 -4.91 13.59 -19.27
N GLU B 76 -4.29 14.22 -20.25
CA GLU B 76 -3.97 15.67 -20.18
C GLU B 76 -5.17 16.58 -19.95
N HIS B 77 -6.28 16.30 -20.59
CA HIS B 77 -7.49 17.09 -20.37
C HIS B 77 -7.99 16.97 -18.90
N THR B 78 -7.98 15.77 -18.36
CA THR B 78 -8.46 15.54 -16.99
C THR B 78 -7.49 16.23 -16.04
N LEU B 79 -6.20 15.99 -16.23
CA LEU B 79 -5.20 16.53 -15.30
C LEU B 79 -5.11 18.03 -15.30
N ARG B 80 -5.23 18.66 -16.46
CA ARG B 80 -5.16 20.12 -16.55
C ARG B 80 -6.28 20.80 -15.75
N ASN B 81 -7.46 20.18 -15.76
CA ASN B 81 -8.60 20.69 -14.96
C ASN B 81 -8.38 20.56 -13.47
N ILE B 82 -7.71 19.49 -13.07
CA ILE B 82 -7.36 19.25 -11.66
C ILE B 82 -6.36 20.29 -11.15
N ASN B 83 -5.25 20.50 -11.87
CA ASN B 83 -4.33 21.57 -11.47
C ASN B 83 -3.82 22.28 -12.73
N PRO B 84 -4.37 23.47 -13.05
CA PRO B 84 -3.94 24.34 -14.15
C PRO B 84 -2.48 24.85 -14.11
N ASP B 85 -1.80 24.76 -12.98
CA ASP B 85 -0.43 25.28 -12.87
C ASP B 85 0.63 24.22 -13.19
N VAL B 86 0.24 22.98 -13.42
CA VAL B 86 1.21 21.94 -13.80
C VAL B 86 1.42 22.07 -15.31
N LEU B 87 2.67 22.02 -15.75
CA LEU B 87 2.97 21.98 -17.19
C LEU B 87 2.85 20.52 -17.65
N PHE B 88 2.33 20.33 -18.88
CA PHE B 88 2.22 19.02 -19.51
C PHE B 88 2.83 19.02 -20.88
N GLU B 89 3.60 17.96 -21.20
CA GLU B 89 4.04 17.64 -22.58
C GLU B 89 3.64 16.21 -22.82
N VAL B 90 2.83 15.95 -23.83
CA VAL B 90 2.26 14.61 -24.08
C VAL B 90 2.65 14.13 -25.46
N HIS B 91 2.85 12.82 -25.58
CA HIS B 91 3.25 12.22 -26.86
C HIS B 91 2.54 10.89 -27.02
N ASN B 92 1.73 10.84 -28.07
CA ASN B 92 1.04 9.67 -28.51
C ASN B 92 1.88 8.94 -29.56
N TYR B 93 2.84 8.17 -29.10
CA TYR B 93 3.61 7.33 -30.02
C TYR B 93 4.17 6.12 -29.31
N ASN B 94 4.53 5.11 -30.09
CA ASN B 94 5.07 3.89 -29.60
C ASN B 94 6.57 4.10 -29.49
N ILE B 95 7.08 4.16 -28.25
CA ILE B 95 8.51 4.47 -28.03
C ILE B 95 9.47 3.38 -28.53
N THR B 96 8.97 2.21 -28.89
CA THR B 96 9.82 1.07 -29.20
C THR B 96 10.22 1.06 -30.69
N THR B 97 9.59 1.89 -31.52
CA THR B 97 10.01 2.00 -32.94
C THR B 97 11.27 2.83 -33.07
N VAL B 98 12.03 2.64 -34.17
CA VAL B 98 13.36 3.25 -34.25
C VAL B 98 13.37 4.78 -34.25
N GLU B 99 12.44 5.38 -34.98
CA GLU B 99 12.33 6.86 -35.01
C GLU B 99 11.93 7.43 -33.65
N ASN B 100 10.93 6.80 -33.04
CA ASN B 100 10.35 7.33 -31.81
C ASN B 100 11.28 7.15 -30.63
N PHE B 101 12.13 6.09 -30.68
CA PHE B 101 13.12 5.86 -29.65
C PHE B 101 14.06 7.06 -29.48
N GLN B 102 14.52 7.62 -30.59
CA GLN B 102 15.44 8.77 -30.56
C GLN B 102 14.70 10.01 -29.99
N HIS B 103 13.45 10.22 -30.40
CA HIS B 103 12.66 11.33 -29.91
C HIS B 103 12.40 11.14 -28.40
N PHE B 104 12.10 9.92 -27.97
CA PHE B 104 11.93 9.55 -26.54
C PHE B 104 13.18 9.95 -25.72
N MET B 105 14.35 9.50 -26.18
CA MET B 105 15.61 9.86 -25.50
C MET B 105 15.85 11.35 -25.46
N ASP B 106 15.54 12.01 -26.57
CA ASP B 106 15.66 13.46 -26.74
C ASP B 106 14.84 14.16 -25.61
N ARG B 107 13.59 13.73 -25.45
CA ARG B 107 12.69 14.33 -24.49
C ARG B 107 13.04 14.03 -23.02
N ILE B 108 13.50 12.80 -22.72
CA ILE B 108 14.06 12.48 -21.39
C ILE B 108 15.24 13.43 -21.11
N SER B 109 16.09 13.65 -22.11
CA SER B 109 17.29 14.48 -21.96
C SER B 109 17.05 15.97 -21.92
N ASN B 110 16.03 16.43 -22.61
CA ASN B 110 15.82 17.88 -22.82
C ASN B 110 14.47 18.41 -22.36
N GLY B 111 13.55 17.50 -22.05
CA GLY B 111 12.18 17.88 -21.69
C GLY B 111 11.91 18.06 -20.21
N GLY B 112 12.93 18.29 -19.41
CA GLY B 112 12.75 18.74 -18.02
C GLY B 112 12.05 20.08 -17.86
N LEU B 113 11.96 20.56 -16.62
CA LEU B 113 11.12 21.71 -16.30
C LEU B 113 11.67 22.92 -17.06
N GLU B 114 13.00 23.00 -17.11
CA GLU B 114 13.75 23.91 -17.98
C GLU B 114 14.14 23.14 -19.24
N GLU B 115 13.72 23.62 -20.42
CA GLU B 115 14.04 22.99 -21.70
C GLU B 115 15.56 22.96 -21.87
N GLY B 116 16.09 21.84 -22.35
CA GLY B 116 17.54 21.61 -22.42
C GLY B 116 18.10 20.85 -21.22
N LYS B 117 17.28 20.63 -20.18
CA LYS B 117 17.67 19.85 -18.99
C LYS B 117 16.90 18.55 -18.97
N PRO B 118 17.48 17.49 -18.37
CA PRO B 118 16.74 16.25 -18.30
C PRO B 118 15.60 16.27 -17.31
N VAL B 119 14.64 15.38 -17.53
CA VAL B 119 13.63 15.07 -16.49
C VAL B 119 14.28 14.50 -15.22
N ASP B 120 13.62 14.66 -14.07
CA ASP B 120 14.21 14.23 -12.77
C ASP B 120 14.02 12.74 -12.56
N LEU B 121 12.96 12.21 -13.15
CA LEU B 121 12.64 10.79 -13.04
C LEU B 121 11.81 10.38 -14.23
N VAL B 122 12.02 9.13 -14.67
CA VAL B 122 11.08 8.45 -15.54
C VAL B 122 10.37 7.39 -14.74
N LEU B 123 9.05 7.26 -14.93
CA LEU B 123 8.26 6.17 -14.41
C LEU B 123 7.75 5.29 -15.49
N SER B 124 7.98 4.00 -15.32
CA SER B 124 7.40 2.99 -16.17
C SER B 124 6.07 2.43 -15.57
N CYS B 125 4.98 2.73 -16.24
CA CYS B 125 3.66 2.12 -15.92
C CYS B 125 3.08 1.52 -17.15
N VAL B 126 3.95 0.84 -17.93
CA VAL B 126 3.52 0.15 -19.10
C VAL B 126 3.05 -1.25 -18.76
N ASP B 127 2.31 -1.84 -19.69
CA ASP B 127 1.75 -3.21 -19.58
C ASP B 127 2.44 -4.34 -20.33
N ASN B 128 3.70 -4.15 -20.68
CA ASN B 128 4.42 -5.19 -21.46
C ASN B 128 5.91 -5.08 -21.24
N PHE B 129 6.60 -6.20 -21.45
CA PHE B 129 8.04 -6.26 -21.22
C PHE B 129 8.81 -5.56 -22.30
N GLU B 130 8.31 -5.57 -23.54
CA GLU B 130 9.03 -4.88 -24.64
C GLU B 130 9.28 -3.43 -24.29
N ALA B 131 8.24 -2.72 -23.88
CA ALA B 131 8.37 -1.32 -23.51
C ALA B 131 9.21 -1.12 -22.25
N ARG B 132 9.16 -2.05 -21.28
CA ARG B 132 10.10 -1.91 -20.13
C ARG B 132 11.55 -1.98 -20.58
N MET B 133 11.81 -2.93 -21.46
CA MET B 133 13.17 -3.08 -22.06
C MET B 133 13.65 -1.84 -22.86
N THR B 134 12.72 -1.21 -23.58
CA THR B 134 13.06 0.04 -24.29
C THR B 134 13.40 1.16 -23.32
N ILE B 135 12.56 1.32 -22.29
CA ILE B 135 12.85 2.34 -21.29
C ILE B 135 14.19 2.06 -20.64
N ASN B 136 14.42 0.81 -20.32
CA ASN B 136 15.66 0.39 -19.69
C ASN B 136 16.88 0.76 -20.54
N THR B 137 16.74 0.48 -21.81
CA THR B 137 17.84 0.69 -22.79
C THR B 137 18.16 2.18 -22.87
N ALA B 138 17.12 3.01 -23.00
CA ALA B 138 17.29 4.46 -22.98
C ALA B 138 17.91 4.99 -21.70
N CYS B 139 17.35 4.60 -20.53
CA CYS B 139 17.90 5.01 -19.22
C CYS B 139 19.38 4.57 -18.95
N ASN B 140 19.76 3.37 -19.41
CA ASN B 140 21.13 2.91 -19.25
C ASN B 140 22.07 3.72 -20.12
N GLU B 141 21.63 4.05 -21.33
CA GLU B 141 22.46 4.88 -22.22
C GLU B 141 22.63 6.30 -21.67
N LEU B 142 21.51 6.87 -21.17
CA LEU B 142 21.52 8.25 -20.68
C LEU B 142 22.01 8.41 -19.23
N GLY B 143 22.11 7.33 -18.47
CA GLY B 143 22.35 7.43 -17.03
C GLY B 143 21.19 8.13 -16.33
N GLN B 144 19.95 7.75 -16.66
CA GLN B 144 18.76 8.43 -16.16
C GLN B 144 18.17 7.52 -15.10
N THR B 145 17.87 8.07 -13.94
CA THR B 145 17.23 7.28 -12.92
C THR B 145 15.72 7.09 -13.26
N TRP B 146 15.19 5.87 -13.02
CA TRP B 146 13.81 5.57 -13.30
C TRP B 146 13.26 4.59 -12.26
N MET B 147 11.95 4.65 -12.11
CA MET B 147 11.24 3.66 -11.36
C MET B 147 10.34 2.83 -12.25
N GLU B 148 10.34 1.53 -11.99
CA GLU B 148 9.53 0.60 -12.67
C GLU B 148 8.41 0.10 -11.76
N SER B 149 7.26 -0.12 -12.35
CA SER B 149 6.12 -0.59 -11.65
C SER B 149 5.39 -1.64 -12.45
N GLY B 150 4.72 -2.53 -11.72
CA GLY B 150 3.83 -3.47 -12.34
C GLY B 150 2.82 -4.13 -11.45
N VAL B 151 1.84 -4.77 -12.09
CA VAL B 151 0.74 -5.49 -11.47
C VAL B 151 0.61 -6.78 -12.19
N SER B 152 0.34 -7.85 -11.46
CA SER B 152 0.06 -9.12 -12.06
C SER B 152 -1.32 -9.19 -12.73
N GLU B 153 -1.43 -10.15 -13.62
CA GLU B 153 -2.61 -10.37 -14.45
C GLU B 153 -3.85 -10.60 -13.59
N ASN B 154 -3.67 -11.40 -12.55
CA ASN B 154 -4.76 -11.72 -11.62
C ASN B 154 -4.93 -10.76 -10.44
N ALA B 155 -4.33 -9.57 -10.49
CA ALA B 155 -4.39 -8.59 -9.36
C ALA B 155 -3.91 -9.04 -8.00
N VAL B 156 -3.23 -10.18 -7.91
CA VAL B 156 -2.87 -10.72 -6.62
C VAL B 156 -1.53 -10.06 -6.16
N SER B 157 -0.78 -9.43 -7.09
CA SER B 157 0.57 -9.06 -6.81
C SER B 157 0.96 -7.80 -7.56
N GLY B 158 1.97 -7.11 -7.05
CA GLY B 158 2.58 -5.98 -7.79
C GLY B 158 3.90 -5.58 -7.15
N HIS B 159 4.57 -4.61 -7.72
CA HIS B 159 5.83 -4.05 -7.18
C HIS B 159 6.20 -2.73 -7.78
N ILE B 160 7.16 -2.10 -7.12
CA ILE B 160 7.92 -0.97 -7.62
C ILE B 160 9.39 -1.25 -7.42
N GLN B 161 10.21 -0.60 -8.25
CA GLN B 161 11.65 -0.82 -8.29
C GLN B 161 12.33 0.49 -8.75
N LEU B 162 13.42 0.83 -8.10
CA LEU B 162 14.21 1.96 -8.40
C LEU B 162 15.41 1.45 -9.14
N ILE B 163 15.56 1.93 -10.36
CA ILE B 163 16.75 1.68 -11.13
C ILE B 163 17.55 2.98 -11.21
N ILE B 164 18.70 2.99 -10.54
CA ILE B 164 19.74 4.02 -10.78
C ILE B 164 20.79 3.28 -11.61
N PRO B 165 20.96 3.65 -12.90
CA PRO B 165 21.84 2.82 -13.73
C PRO B 165 23.24 2.82 -13.19
N GLY B 166 23.80 1.61 -13.04
CA GLY B 166 25.11 1.41 -12.46
C GLY B 166 25.16 1.17 -10.97
N GLU B 167 24.19 1.71 -10.24
CA GLU B 167 24.12 1.57 -8.77
C GLU B 167 23.14 0.47 -8.26
N SER B 168 21.94 0.42 -8.80
CA SER B 168 21.09 -0.71 -8.56
C SER B 168 20.81 -1.44 -9.82
N ALA B 169 20.27 -2.65 -9.63
CA ALA B 169 19.91 -3.49 -10.74
C ALA B 169 19.03 -2.78 -11.79
N CYS B 170 19.40 -2.92 -13.09
CA CYS B 170 18.54 -2.46 -14.19
C CYS B 170 17.57 -3.59 -14.51
N PHE B 171 16.62 -3.34 -15.40
CA PHE B 171 15.60 -4.34 -15.68
C PHE B 171 16.11 -5.54 -16.44
N ALA B 172 17.15 -5.33 -17.24
CA ALA B 172 17.82 -6.44 -17.91
C ALA B 172 18.77 -7.24 -17.01
N CYS B 173 19.14 -6.73 -15.84
CA CYS B 173 19.99 -7.49 -14.93
C CYS B 173 19.39 -8.83 -14.51
N ALA B 174 18.07 -8.85 -14.34
CA ALA B 174 17.36 -10.07 -13.91
C ALA B 174 16.14 -10.28 -14.78
N PRO B 175 16.35 -10.67 -16.04
CA PRO B 175 15.24 -10.68 -16.97
C PRO B 175 14.22 -11.77 -16.62
N PRO B 176 12.94 -11.53 -16.88
CA PRO B 176 11.99 -12.64 -16.72
C PRO B 176 12.21 -13.66 -17.77
N LEU B 177 11.75 -14.87 -17.52
CA LEU B 177 12.00 -16.01 -18.37
C LEU B 177 11.75 -15.73 -19.86
N VAL B 178 10.63 -15.08 -20.18
CA VAL B 178 10.28 -14.78 -21.56
C VAL B 178 11.27 -13.84 -22.29
N VAL B 179 11.79 -12.85 -21.57
CA VAL B 179 12.84 -11.99 -22.12
C VAL B 179 14.11 -12.82 -22.30
N ALA B 180 14.59 -13.45 -21.23
CA ALA B 180 15.78 -14.31 -21.30
C ALA B 180 15.73 -15.42 -22.37
N ALA B 181 14.56 -16.04 -22.53
CA ALA B 181 14.40 -17.15 -23.44
C ALA B 181 13.97 -16.73 -24.85
N ASN B 182 13.85 -15.42 -25.09
CA ASN B 182 13.47 -14.86 -26.40
C ASN B 182 12.18 -15.42 -26.96
N ILE B 183 11.19 -15.57 -26.09
CA ILE B 183 9.83 -15.86 -26.53
C ILE B 183 9.11 -14.51 -26.73
N ASP B 184 8.46 -14.36 -27.89
CA ASP B 184 7.66 -13.17 -28.19
C ASP B 184 6.42 -13.15 -27.27
N GLU B 185 6.08 -11.97 -26.72
CA GLU B 185 4.99 -11.81 -25.71
C GLU B 185 3.57 -12.25 -26.12
N LYS B 186 3.33 -12.37 -27.44
CA LYS B 186 2.20 -13.11 -28.01
C LYS B 186 0.86 -12.88 -27.31
N SER B 197 -11.04 -6.53 -8.77
CA SER B 197 -9.80 -6.44 -7.97
C SER B 197 -8.56 -5.71 -8.58
N LEU B 198 -8.46 -5.75 -9.89
CA LEU B 198 -7.37 -5.04 -10.59
C LEU B 198 -7.30 -3.55 -10.20
N PRO B 199 -8.43 -2.82 -10.20
CA PRO B 199 -8.34 -1.36 -9.88
C PRO B 199 -7.77 -1.06 -8.48
N THR B 200 -8.00 -1.94 -7.52
CA THR B 200 -7.46 -1.75 -6.17
C THR B 200 -5.93 -2.00 -6.12
N THR B 201 -5.47 -3.10 -6.74
CA THR B 201 -4.07 -3.41 -6.77
C THR B 201 -3.30 -2.31 -7.51
N MET B 202 -3.84 -1.81 -8.62
CA MET B 202 -3.28 -0.67 -9.32
C MET B 202 -3.20 0.57 -8.45
N GLY B 203 -4.24 0.83 -7.66
CA GLY B 203 -4.16 1.98 -6.76
C GLY B 203 -3.13 1.87 -5.66
N VAL B 204 -2.93 0.68 -5.12
CA VAL B 204 -1.85 0.46 -4.14
C VAL B 204 -0.55 0.67 -4.74
N VAL B 205 -0.32 0.02 -5.90
CA VAL B 205 0.99 0.17 -6.56
C VAL B 205 1.28 1.59 -6.97
N ALA B 206 0.34 2.28 -7.53
CA ALA B 206 0.53 3.71 -7.88
C ALA B 206 0.86 4.61 -6.67
N GLY B 207 0.20 4.31 -5.60
CA GLY B 207 0.37 5.09 -4.34
C GLY B 207 1.75 4.90 -3.75
N ILE B 208 2.17 3.64 -3.63
CA ILE B 208 3.52 3.34 -3.13
C ILE B 208 4.55 3.85 -4.14
N LEU B 209 4.23 3.77 -5.41
CA LEU B 209 5.14 4.36 -6.44
C LEU B 209 5.37 5.86 -6.22
N VAL B 210 4.27 6.61 -6.17
CA VAL B 210 4.35 8.06 -5.95
C VAL B 210 5.05 8.39 -4.65
N GLN B 211 4.71 7.63 -3.56
CA GLN B 211 5.39 7.86 -2.30
C GLN B 211 6.91 7.74 -2.42
N ASN B 212 7.35 6.74 -3.14
CA ASN B 212 8.77 6.59 -3.44
C ASN B 212 9.29 7.78 -4.24
N VAL B 213 8.53 8.25 -5.23
CA VAL B 213 8.89 9.45 -6.00
C VAL B 213 9.13 10.66 -5.11
N LEU B 214 8.21 10.89 -4.18
CA LEU B 214 8.33 12.05 -3.31
C LEU B 214 9.49 11.89 -2.31
N LYS B 215 9.68 10.68 -1.76
CA LYS B 215 10.80 10.39 -0.85
C LYS B 215 12.13 10.66 -1.57
N PHE B 216 12.20 10.23 -2.81
CA PHE B 216 13.37 10.41 -3.70
C PHE B 216 13.64 11.88 -4.06
N LEU B 217 12.62 12.59 -4.52
CA LEU B 217 12.76 13.98 -4.97
C LEU B 217 12.90 14.94 -3.80
N LEU B 218 12.19 14.67 -2.72
CA LEU B 218 12.19 15.58 -1.60
C LEU B 218 13.13 15.16 -0.46
N ASN B 219 13.80 14.02 -0.58
CA ASN B 219 14.80 13.60 0.42
C ASN B 219 14.23 13.48 1.82
N PHE B 220 13.14 12.71 1.98
CA PHE B 220 12.61 12.35 3.30
C PHE B 220 12.41 10.83 3.35
N GLY B 221 12.50 10.27 4.54
CA GLY B 221 12.37 8.84 4.78
C GLY B 221 13.41 8.00 4.05
N THR B 222 13.12 6.72 3.87
CA THR B 222 14.01 5.80 3.14
C THR B 222 13.40 5.42 1.80
N VAL B 223 14.14 5.65 0.70
CA VAL B 223 13.63 5.36 -0.59
C VAL B 223 13.80 3.83 -0.73
N SER B 224 12.78 3.11 -1.19
CA SER B 224 12.94 1.68 -1.51
C SER B 224 13.54 1.47 -2.86
N PHE B 225 14.49 0.54 -2.94
CA PHE B 225 15.01 0.08 -4.22
C PHE B 225 14.09 -0.97 -4.77
N TYR B 226 13.30 -1.60 -3.91
CA TYR B 226 12.34 -2.55 -4.37
C TYR B 226 11.35 -2.74 -3.25
N LEU B 227 10.08 -2.72 -3.62
CA LEU B 227 8.94 -2.93 -2.72
C LEU B 227 7.89 -3.70 -3.45
N GLY B 228 7.71 -4.94 -3.06
CA GLY B 228 6.65 -5.77 -3.51
C GLY B 228 5.37 -5.69 -2.68
N TYR B 229 4.29 -6.16 -3.29
CA TYR B 229 2.98 -6.21 -2.70
C TYR B 229 2.37 -7.56 -3.11
N ASN B 230 2.10 -8.39 -2.13
CA ASN B 230 1.35 -9.60 -2.29
C ASN B 230 0.02 -9.30 -1.56
N ALA B 231 -1.05 -9.10 -2.36
CA ALA B 231 -2.38 -8.79 -1.77
C ALA B 231 -3.08 -9.90 -1.07
N MET B 232 -2.72 -11.17 -1.35
CA MET B 232 -3.42 -12.27 -0.67
C MET B 232 -3.11 -12.33 0.80
N GLN B 233 -1.85 -12.07 1.12
CA GLN B 233 -1.30 -12.23 2.47
C GLN B 233 -0.84 -10.90 3.11
N ASP B 234 -1.08 -9.78 2.43
CA ASP B 234 -0.61 -8.44 2.85
C ASP B 234 0.87 -8.46 3.20
N PHE B 235 1.69 -8.86 2.23
CA PHE B 235 3.12 -8.99 2.46
C PHE B 235 3.81 -8.05 1.48
N PHE B 236 4.70 -7.24 2.00
CA PHE B 236 5.26 -6.13 1.33
C PHE B 236 6.76 -6.19 1.49
N PRO B 237 7.45 -7.08 0.73
CA PRO B 237 8.88 -7.28 0.97
C PRO B 237 9.74 -6.17 0.28
N THR B 238 10.79 -5.74 0.98
CA THR B 238 11.73 -4.76 0.47
C THR B 238 13.03 -5.51 0.19
N MET B 239 13.73 -5.03 -0.80
CA MET B 239 15.02 -5.60 -1.21
C MET B 239 15.76 -4.48 -1.84
N SER B 240 17.05 -4.68 -1.99
CA SER B 240 17.84 -3.73 -2.73
C SER B 240 18.67 -4.56 -3.67
N MET B 241 18.28 -4.63 -4.95
CA MET B 241 18.94 -5.55 -5.88
C MET B 241 20.09 -4.83 -6.58
N LYS B 242 21.20 -5.53 -6.61
CA LYS B 242 22.45 -4.97 -7.11
C LYS B 242 22.62 -5.33 -8.57
N PRO B 243 23.44 -4.52 -9.25
CA PRO B 243 23.70 -4.79 -10.63
C PRO B 243 24.43 -6.11 -10.86
N ASN B 244 24.02 -6.75 -11.93
CA ASN B 244 24.66 -7.90 -12.50
C ASN B 244 25.95 -7.53 -13.29
N PRO B 245 27.15 -7.94 -12.83
CA PRO B 245 28.35 -7.50 -13.51
C PRO B 245 28.41 -8.02 -14.95
N GLN B 246 27.64 -9.07 -15.27
CA GLN B 246 27.65 -9.58 -16.66
C GLN B 246 26.33 -9.29 -17.38
N CYS B 247 25.60 -8.23 -16.97
CA CYS B 247 24.32 -7.87 -17.59
C CYS B 247 24.39 -7.78 -19.10
N ASP B 248 23.34 -8.26 -19.76
CA ASP B 248 23.27 -8.18 -21.21
C ASP B 248 23.36 -6.75 -21.72
N ASP B 249 22.87 -5.77 -20.95
CA ASP B 249 22.92 -4.38 -21.40
C ASP B 249 24.34 -3.88 -21.15
N ARG B 250 25.07 -3.67 -22.23
CA ARG B 250 26.46 -3.19 -22.15
C ARG B 250 26.56 -1.79 -21.49
N ASN B 251 25.54 -0.95 -21.66
CA ASN B 251 25.47 0.38 -20.97
C ASN B 251 25.30 0.28 -19.49
N CYS B 252 24.54 -0.75 -19.05
CA CYS B 252 24.47 -1.09 -17.64
C CYS B 252 25.85 -1.40 -17.12
N ARG B 253 26.58 -2.24 -17.84
CA ARG B 253 27.95 -2.51 -17.43
C ARG B 253 28.80 -1.25 -17.31
N LYS B 254 28.72 -0.36 -18.31
CA LYS B 254 29.58 0.84 -18.29
C LYS B 254 29.17 1.75 -17.11
N GLN B 255 27.88 1.90 -16.94
CA GLN B 255 27.34 2.62 -15.76
C GLN B 255 27.84 2.00 -14.45
N GLN B 256 27.93 0.66 -14.37
CA GLN B 256 28.50 0.04 -13.18
C GLN B 256 29.95 0.42 -12.94
N GLU B 257 30.73 0.51 -14.02
CA GLU B 257 32.11 0.96 -13.94
C GLU B 257 32.21 2.39 -13.41
N GLU B 258 31.36 3.27 -13.92
CA GLU B 258 31.39 4.68 -13.56
C GLU B 258 30.96 4.86 -12.10
N TYR B 259 29.99 4.08 -11.69
CA TYR B 259 29.54 4.11 -10.28
C TYR B 259 30.62 3.68 -9.27
N LYS B 260 31.29 2.56 -9.56
CA LYS B 260 32.38 2.09 -8.72
C LYS B 260 33.47 3.11 -8.62
N LYS B 261 33.80 3.72 -9.75
CA LYS B 261 34.77 4.79 -9.74
C LYS B 261 34.36 5.96 -8.86
N LYS B 262 33.12 6.40 -8.98
CA LYS B 262 32.58 7.52 -8.22
C LYS B 262 32.60 7.21 -6.72
N VAL B 263 32.27 5.98 -6.34
CA VAL B 263 32.29 5.56 -4.94
C VAL B 263 33.73 5.58 -4.42
N ALA B 264 34.67 5.11 -5.24
CA ALA B 264 36.07 5.08 -4.89
C ALA B 264 36.68 6.50 -4.80
N ALA B 265 36.06 7.50 -5.42
CA ALA B 265 36.55 8.89 -5.25
C ALA B 265 36.27 9.52 -3.85
N LEU B 266 35.36 8.98 -3.06
CA LEU B 266 35.39 9.16 -1.60
C LEU B 266 35.00 7.85 -0.91
N HIS B 280 10.77 15.20 27.98
CA HIS B 280 9.95 15.09 29.18
C HIS B 280 9.87 16.43 29.90
N GLU B 281 8.79 17.19 29.61
CA GLU B 281 8.54 18.49 30.25
C GLU B 281 8.25 18.36 31.74
N ASP B 282 7.63 17.25 32.14
CA ASP B 282 7.51 16.86 33.55
C ASP B 282 7.92 15.38 33.76
N ASN B 283 8.07 15.01 35.03
CA ASN B 283 8.31 13.62 35.42
C ASN B 283 7.86 13.51 36.88
N GLU B 284 6.60 13.82 37.08
CA GLU B 284 6.02 13.86 38.40
C GLU B 284 6.05 12.53 39.15
N TRP B 285 5.90 11.41 38.44
CA TRP B 285 5.71 10.09 39.08
C TRP B 285 6.95 9.24 39.33
N GLY B 286 8.14 9.78 39.09
CA GLY B 286 9.37 9.02 39.28
C GLY B 286 9.56 7.83 38.32
N ILE B 287 8.98 7.90 37.13
CA ILE B 287 9.13 6.80 36.16
C ILE B 287 10.60 6.78 35.72
N GLU B 288 11.24 5.62 35.87
CA GLU B 288 12.65 5.47 35.47
C GLU B 288 12.75 4.62 34.21
N LEU B 289 13.49 5.14 33.23
CA LEU B 289 13.91 4.36 32.07
C LEU B 289 15.02 3.42 32.51
N VAL B 290 14.72 2.11 32.52
CA VAL B 290 15.64 1.08 32.97
C VAL B 290 16.50 0.63 31.79
N VAL C 4 6.60 -1.45 39.93
CA VAL C 4 6.31 -2.36 38.76
C VAL C 4 7.01 -1.97 37.45
N SER C 5 7.42 -2.98 36.68
CA SER C 5 8.15 -2.77 35.43
C SER C 5 7.42 -3.25 34.18
N PHE C 6 7.39 -2.39 33.15
CA PHE C 6 6.82 -2.77 31.87
C PHE C 6 7.86 -2.67 30.77
N LYS C 7 7.78 -3.62 29.85
CA LYS C 7 8.54 -3.61 28.58
C LYS C 7 7.54 -3.20 27.53
N ILE C 8 7.70 -1.97 27.00
CA ILE C 8 6.77 -1.36 26.06
C ILE C 8 7.40 -1.29 24.65
N THR C 9 6.77 -1.99 23.69
CA THR C 9 7.27 -2.13 22.31
C THR C 9 6.52 -1.19 21.34
N LEU C 10 7.25 -0.47 20.49
CA LEU C 10 6.62 0.35 19.44
C LEU C 10 6.41 -0.51 18.18
N THR C 11 5.13 -0.74 17.89
CA THR C 11 4.71 -1.71 16.85
C THR C 11 4.92 -1.15 15.41
N SER C 12 5.02 0.16 15.28
CA SER C 12 4.96 0.85 13.97
C SER C 12 6.34 1.09 13.38
N ASP C 13 7.40 0.67 14.09
CA ASP C 13 8.76 0.79 13.68
C ASP C 13 9.25 -0.62 13.44
N PRO C 14 9.83 -0.88 12.23
CA PRO C 14 10.24 -2.25 11.90
C PRO C 14 11.31 -2.86 12.82
N ARG C 15 12.06 -2.03 13.53
CA ARG C 15 13.01 -2.54 14.52
C ARG C 15 12.33 -3.02 15.81
N LEU C 16 11.01 -2.85 15.94
CA LEU C 16 10.23 -3.16 17.16
C LEU C 16 11.03 -2.80 18.39
N PRO C 17 11.46 -1.53 18.48
CA PRO C 17 12.24 -1.15 19.62
C PRO C 17 11.35 -1.17 20.86
N TYR C 18 11.98 -1.32 22.01
CA TYR C 18 11.25 -1.33 23.30
C TYR C 18 11.96 -0.53 24.34
N LYS C 19 11.19 -0.05 25.33
CA LYS C 19 11.68 0.66 26.48
C LYS C 19 11.17 -0.05 27.75
N VAL C 20 12.06 -0.24 28.72
CA VAL C 20 11.65 -0.80 30.03
C VAL C 20 11.48 0.37 30.98
N LEU C 21 10.28 0.45 31.60
CA LEU C 21 9.93 1.54 32.51
C LEU C 21 9.59 0.94 33.85
N SER C 22 10.26 1.43 34.88
CA SER C 22 9.93 1.09 36.25
C SER C 22 9.05 2.20 36.78
N VAL C 23 7.92 1.83 37.37
CA VAL C 23 6.92 2.81 37.79
C VAL C 23 6.28 2.42 39.12
N PRO C 24 5.96 3.42 39.97
CA PRO C 24 5.19 3.18 41.19
C PRO C 24 3.81 2.66 40.87
N GLU C 25 3.30 1.77 41.72
CA GLU C 25 2.02 1.10 41.43
C GLU C 25 0.87 2.07 41.28
N SER C 26 0.90 3.19 42.00
CA SER C 26 -0.24 4.11 42.01
C SER C 26 -0.29 5.06 40.78
N THR C 27 0.79 5.08 39.97
CA THR C 27 0.86 5.94 38.78
C THR C 27 -0.24 5.58 37.79
N PRO C 28 -1.04 6.58 37.33
CA PRO C 28 -2.01 6.23 36.30
C PRO C 28 -1.25 5.77 35.08
N PHE C 29 -1.74 4.73 34.43
CA PHE C 29 -1.04 4.19 33.32
C PHE C 29 -1.05 5.14 32.10
N THR C 30 -2.00 6.06 32.07
CA THR C 30 -1.97 7.15 31.10
C THR C 30 -0.64 7.94 31.07
N ALA C 31 -0.01 8.12 32.23
CA ALA C 31 1.28 8.80 32.34
C ALA C 31 2.47 7.92 31.89
N VAL C 32 2.30 6.60 32.02
CA VAL C 32 3.28 5.64 31.60
C VAL C 32 3.26 5.64 30.06
N LEU C 33 2.06 5.54 29.48
CA LEU C 33 1.87 5.64 28.03
C LEU C 33 2.48 6.90 27.41
N LYS C 34 2.19 8.03 28.03
CA LYS C 34 2.73 9.30 27.57
C LYS C 34 4.25 9.31 27.63
N PHE C 35 4.79 8.94 28.79
CA PHE C 35 6.23 8.82 29.01
C PHE C 35 6.87 7.93 27.94
N ALA C 36 6.25 6.77 27.65
CA ALA C 36 6.77 5.84 26.65
C ALA C 36 6.70 6.41 25.23
N ALA C 37 5.57 7.04 24.89
CA ALA C 37 5.43 7.72 23.60
C ALA C 37 6.52 8.79 23.40
N GLU C 38 6.79 9.55 24.47
CA GLU C 38 7.84 10.58 24.44
C GLU C 38 9.24 9.98 24.19
N GLU C 39 9.57 8.88 24.87
CA GLU C 39 10.80 8.14 24.63
C GLU C 39 10.92 7.63 23.18
N PHE C 40 9.81 7.21 22.57
CA PHE C 40 9.77 6.83 21.16
C PHE C 40 9.58 7.99 20.18
N LYS C 41 9.43 9.21 20.67
CA LYS C 41 9.17 10.38 19.82
C LYS C 41 7.99 10.16 18.88
N VAL C 42 6.92 9.56 19.39
CA VAL C 42 5.65 9.49 18.67
C VAL C 42 4.64 10.28 19.48
N PRO C 43 3.58 10.80 18.83
CA PRO C 43 2.62 11.61 19.59
C PRO C 43 1.87 10.81 20.67
N ALA C 44 1.92 11.30 21.90
CA ALA C 44 1.24 10.64 23.02
C ALA C 44 -0.28 10.59 22.79
N ALA C 45 -0.86 11.72 22.35
CA ALA C 45 -2.30 11.91 22.33
C ALA C 45 -3.05 10.86 21.51
N THR C 46 -2.44 10.40 20.44
CA THR C 46 -3.03 9.44 19.53
C THR C 46 -2.50 7.98 19.71
N SER C 47 -1.68 7.72 20.72
CA SER C 47 -1.15 6.37 20.94
C SER C 47 -2.13 5.58 21.78
N ALA C 48 -2.16 4.27 21.54
CA ALA C 48 -2.94 3.39 22.36
C ALA C 48 -2.04 2.24 22.78
N ILE C 49 -2.54 1.41 23.69
CA ILE C 49 -1.76 0.37 24.30
C ILE C 49 -2.55 -0.94 24.27
N ILE C 50 -1.85 -2.00 23.92
CA ILE C 50 -2.41 -3.35 23.84
C ILE C 50 -1.42 -4.30 24.54
N THR C 51 -1.89 -5.51 24.82
CA THR C 51 -1.05 -6.57 25.38
C THR C 51 -0.34 -7.35 24.26
N ASN C 52 0.48 -8.33 24.63
CA ASN C 52 1.07 -9.27 23.64
C ASN C 52 0.12 -10.19 22.92
N ASP C 53 -1.01 -10.51 23.53
CA ASP C 53 -2.06 -11.28 22.86
C ASP C 53 -2.87 -10.40 21.91
N GLY C 54 -2.63 -9.09 21.92
CA GLY C 54 -3.38 -8.12 21.15
C GLY C 54 -4.70 -7.76 21.81
N ILE C 55 -4.78 -7.86 23.14
CA ILE C 55 -6.02 -7.44 23.88
C ILE C 55 -5.84 -5.95 24.12
N GLY C 56 -6.83 -5.15 23.74
CA GLY C 56 -6.74 -3.70 23.90
C GLY C 56 -6.88 -3.38 25.36
N ILE C 57 -6.20 -2.33 25.78
CA ILE C 57 -6.14 -1.92 27.19
C ILE C 57 -6.65 -0.50 27.21
N ASN C 58 -7.55 -0.19 28.15
CA ASN C 58 -7.90 1.20 28.46
C ASN C 58 -6.85 1.68 29.48
N PRO C 59 -6.04 2.72 29.12
CA PRO C 59 -4.96 3.08 30.03
C PRO C 59 -5.40 3.89 31.23
N ALA C 60 -6.66 4.32 31.28
CA ALA C 60 -7.21 4.96 32.48
C ALA C 60 -7.45 3.98 33.64
N GLN C 61 -6.34 3.56 34.25
CA GLN C 61 -6.27 2.72 35.44
C GLN C 61 -4.84 2.80 35.98
N THR C 62 -4.62 2.28 37.18
CA THR C 62 -3.28 2.33 37.80
C THR C 62 -2.29 1.36 37.15
N ALA C 63 -1.01 1.67 37.29
CA ALA C 63 0.09 0.83 36.79
C ALA C 63 0.04 -0.53 37.47
N GLY C 64 -0.25 -0.52 38.79
CA GLY C 64 -0.47 -1.73 39.59
C GLY C 64 -1.51 -2.68 39.02
N ASN C 65 -2.63 -2.14 38.57
CA ASN C 65 -3.73 -2.94 38.01
C ASN C 65 -3.47 -3.39 36.62
N VAL C 66 -2.84 -2.53 35.83
CA VAL C 66 -2.40 -2.94 34.50
C VAL C 66 -1.46 -4.13 34.66
N PHE C 67 -0.46 -3.99 35.52
CA PHE C 67 0.44 -5.08 35.80
C PHE C 67 -0.23 -6.38 36.23
N LEU C 68 -1.18 -6.28 37.14
CA LEU C 68 -1.90 -7.44 37.64
C LEU C 68 -2.80 -8.09 36.64
N LYS C 69 -3.53 -7.30 35.86
CA LYS C 69 -4.42 -7.85 34.84
C LYS C 69 -3.64 -8.30 33.59
N HIS C 70 -2.57 -7.60 33.23
CA HIS C 70 -1.88 -7.92 31.95
C HIS C 70 -0.39 -8.23 31.95
N GLY C 71 0.32 -8.02 33.04
CA GLY C 71 1.74 -8.31 33.11
C GLY C 71 2.55 -7.16 32.53
N SER C 72 3.80 -7.46 32.21
CA SER C 72 4.79 -6.45 31.88
C SER C 72 4.92 -6.10 30.39
N GLU C 73 4.53 -7.01 29.52
CA GLU C 73 4.86 -6.91 28.07
C GLU C 73 3.71 -6.23 27.33
N LEU C 74 3.86 -4.92 27.06
CA LEU C 74 2.79 -4.13 26.39
C LEU C 74 3.31 -3.49 25.10
N ARG C 75 2.39 -3.04 24.26
CA ARG C 75 2.69 -2.63 22.88
C ARG C 75 1.92 -1.38 22.53
N ILE C 76 2.65 -0.34 22.11
CA ILE C 76 2.02 0.88 21.66
C ILE C 76 1.63 0.74 20.18
N ILE C 77 0.41 1.17 19.86
CA ILE C 77 -0.08 1.28 18.49
C ILE C 77 -0.46 2.74 18.24
N PRO C 78 -0.21 3.24 17.01
CA PRO C 78 -0.75 4.55 16.61
C PRO C 78 -2.28 4.48 16.48
N ARG C 79 -2.95 5.60 16.69
CA ARG C 79 -4.35 5.74 16.32
C ARG C 79 -4.43 6.92 15.38
N ASP C 80 -4.17 6.66 14.11
CA ASP C 80 -4.02 7.74 13.11
C ASP C 80 -5.38 8.42 12.98
N ARG C 81 -5.42 9.75 13.11
CA ARG C 81 -6.67 10.47 13.26
C ARG C 81 -7.28 11.06 11.98
N VAL C 82 -6.47 11.34 10.94
CA VAL C 82 -6.93 12.00 9.73
C VAL C 82 -7.61 10.97 8.79
N GLY C 83 -8.48 11.45 7.94
CA GLY C 83 -9.13 10.64 6.92
C GLY C 83 -9.60 11.50 5.78
N VAL D 4 24.69 -29.54 -9.89
CA VAL D 4 23.55 -30.50 -10.00
C VAL D 4 22.36 -30.06 -9.12
N SER D 5 22.50 -29.55 -7.88
CA SER D 5 21.31 -29.23 -7.03
C SER D 5 21.14 -27.76 -6.59
N PHE D 6 19.92 -27.23 -6.72
CA PHE D 6 19.61 -25.87 -6.30
C PHE D 6 18.52 -25.87 -5.26
N LYS D 7 18.62 -24.92 -4.34
CA LYS D 7 17.52 -24.58 -3.42
C LYS D 7 16.99 -23.22 -3.92
N ILE D 8 15.76 -23.27 -4.42
CA ILE D 8 15.11 -22.11 -5.02
C ILE D 8 14.01 -21.60 -4.10
N THR D 9 14.16 -20.34 -3.65
CA THR D 9 13.21 -19.70 -2.70
C THR D 9 12.23 -18.74 -3.42
N LEU D 10 10.94 -18.79 -3.04
CA LEU D 10 9.94 -17.85 -3.54
C LEU D 10 9.87 -16.62 -2.60
N THR D 11 10.30 -15.49 -3.12
CA THR D 11 10.48 -14.25 -2.34
C THR D 11 9.18 -13.52 -2.07
N SER D 12 8.15 -13.81 -2.85
CA SER D 12 6.90 -13.07 -2.82
C SER D 12 5.87 -13.70 -1.89
N ASP D 13 6.23 -14.79 -1.23
CA ASP D 13 5.38 -15.47 -0.28
C ASP D 13 6.07 -15.26 1.07
N PRO D 14 5.31 -14.73 2.05
CA PRO D 14 5.92 -14.47 3.38
C PRO D 14 6.52 -15.71 4.09
N ARG D 15 6.09 -16.91 3.74
CA ARG D 15 6.66 -18.13 4.32
C ARG D 15 8.04 -18.47 3.71
N LEU D 16 8.50 -17.69 2.73
CA LEU D 16 9.70 -17.95 1.96
C LEU D 16 9.92 -19.43 1.72
N PRO D 17 8.92 -20.10 1.11
CA PRO D 17 9.07 -21.52 0.86
C PRO D 17 10.17 -21.73 -0.18
N TYR D 18 10.72 -22.94 -0.17
CA TYR D 18 11.77 -23.29 -1.10
C TYR D 18 11.57 -24.70 -1.63
N LYS D 19 12.11 -24.92 -2.84
CA LYS D 19 12.16 -26.25 -3.48
C LYS D 19 13.60 -26.62 -3.84
N VAL D 20 13.97 -27.90 -3.61
CA VAL D 20 15.29 -28.41 -4.00
C VAL D 20 15.11 -29.19 -5.29
N LEU D 21 15.89 -28.82 -6.31
CA LEU D 21 15.81 -29.41 -7.62
C LEU D 21 17.18 -29.95 -7.99
N SER D 22 17.20 -31.21 -8.37
CA SER D 22 18.40 -31.85 -8.91
C SER D 22 18.26 -31.82 -10.41
N VAL D 23 19.32 -31.38 -11.08
CA VAL D 23 19.27 -31.17 -12.52
C VAL D 23 20.60 -31.54 -13.19
N PRO D 24 20.53 -32.13 -14.40
CA PRO D 24 21.72 -32.39 -15.20
C PRO D 24 22.40 -31.11 -15.58
N GLU D 25 23.74 -31.12 -15.62
CA GLU D 25 24.50 -29.87 -15.83
C GLU D 25 24.21 -29.18 -17.16
N SER D 26 23.84 -29.95 -18.18
CA SER D 26 23.55 -29.41 -19.51
C SER D 26 22.18 -28.76 -19.69
N THR D 27 21.26 -28.96 -18.74
CA THR D 27 19.92 -28.39 -18.76
C THR D 27 19.96 -26.87 -18.77
N PRO D 28 19.30 -26.24 -19.76
CA PRO D 28 19.26 -24.79 -19.69
C PRO D 28 18.57 -24.39 -18.42
N PHE D 29 19.11 -23.38 -17.75
CA PHE D 29 18.51 -22.97 -16.49
C PHE D 29 17.12 -22.34 -16.65
N THR D 30 16.79 -21.88 -17.85
CA THR D 30 15.43 -21.47 -18.17
C THR D 30 14.37 -22.54 -17.87
N ALA D 31 14.72 -23.80 -18.04
CA ALA D 31 13.83 -24.94 -17.75
C ALA D 31 13.75 -25.26 -16.26
N VAL D 32 14.83 -24.92 -15.54
CA VAL D 32 14.86 -25.08 -14.09
C VAL D 32 13.94 -24.03 -13.47
N LEU D 33 14.11 -22.78 -13.90
CA LEU D 33 13.22 -21.71 -13.52
C LEU D 33 11.74 -22.01 -13.76
N LYS D 34 11.41 -22.42 -14.97
CA LYS D 34 10.05 -22.81 -15.31
C LYS D 34 9.53 -23.90 -14.38
N PHE D 35 10.30 -24.98 -14.29
CA PHE D 35 9.99 -26.10 -13.42
C PHE D 35 9.73 -25.59 -11.98
N ALA D 36 10.59 -24.71 -11.47
CA ALA D 36 10.41 -24.18 -10.08
C ALA D 36 9.19 -23.30 -9.96
N ALA D 37 8.96 -22.44 -10.96
CA ALA D 37 7.75 -21.60 -10.97
C ALA D 37 6.48 -22.44 -10.98
N GLU D 38 6.50 -23.54 -11.72
CA GLU D 38 5.39 -24.48 -11.74
C GLU D 38 5.16 -25.13 -10.37
N GLU D 39 6.23 -25.57 -9.71
CA GLU D 39 6.11 -26.10 -8.32
C GLU D 39 5.53 -25.09 -7.35
N PHE D 40 5.87 -23.81 -7.51
CA PHE D 40 5.30 -22.74 -6.67
C PHE D 40 3.95 -22.21 -7.15
N LYS D 41 3.45 -22.72 -8.28
CA LYS D 41 2.21 -22.24 -8.88
C LYS D 41 2.22 -20.72 -9.06
N VAL D 42 3.34 -20.17 -9.53
CA VAL D 42 3.40 -18.82 -10.00
C VAL D 42 3.69 -18.87 -11.50
N PRO D 43 3.33 -17.82 -12.23
CA PRO D 43 3.59 -17.88 -13.68
C PRO D 43 5.09 -17.92 -14.06
N ALA D 44 5.47 -18.92 -14.86
CA ALA D 44 6.87 -19.03 -15.29
C ALA D 44 7.32 -17.85 -16.11
N ALA D 45 6.49 -17.45 -17.06
CA ALA D 45 6.89 -16.47 -18.08
C ALA D 45 7.40 -15.15 -17.50
N THR D 46 6.83 -14.74 -16.37
CA THR D 46 7.14 -13.45 -15.74
C THR D 46 8.05 -13.58 -14.49
N SER D 47 8.55 -14.79 -14.21
CA SER D 47 9.45 -14.96 -13.06
C SER D 47 10.85 -14.64 -13.47
N ALA D 48 11.63 -14.13 -12.54
CA ALA D 48 13.05 -13.92 -12.74
C ALA D 48 13.79 -14.54 -11.56
N ILE D 49 15.09 -14.59 -11.66
CA ILE D 49 15.91 -15.30 -10.71
C ILE D 49 17.04 -14.38 -10.30
N ILE D 50 17.30 -14.34 -8.99
CA ILE D 50 18.39 -13.62 -8.39
C ILE D 50 19.12 -14.52 -7.37
N THR D 51 20.29 -14.08 -6.96
CA THR D 51 21.12 -14.83 -6.01
C THR D 51 20.77 -14.35 -4.61
N ASN D 52 21.41 -14.91 -3.60
CA ASN D 52 21.29 -14.41 -2.22
C ASN D 52 21.82 -13.02 -1.93
N ASP D 53 22.81 -12.56 -2.67
CA ASP D 53 23.27 -11.18 -2.56
C ASP D 53 22.30 -10.18 -3.26
N GLY D 54 21.27 -10.69 -3.95
CA GLY D 54 20.34 -9.90 -4.71
C GLY D 54 20.90 -9.50 -6.07
N ILE D 55 21.76 -10.35 -6.63
CA ILE D 55 22.34 -10.11 -7.96
C ILE D 55 21.44 -10.83 -8.93
N GLY D 56 20.98 -10.11 -9.92
CA GLY D 56 20.19 -10.71 -11.00
C GLY D 56 21.00 -11.71 -11.79
N ILE D 57 20.33 -12.75 -12.27
CA ILE D 57 20.89 -13.80 -13.10
C ILE D 57 20.10 -13.82 -14.43
N ASN D 58 20.78 -13.93 -15.55
CA ASN D 58 20.15 -14.24 -16.85
C ASN D 58 20.04 -15.77 -16.90
N PRO D 59 18.82 -16.31 -16.92
CA PRO D 59 18.73 -17.75 -16.86
C PRO D 59 19.06 -18.48 -18.18
N ALA D 60 19.28 -17.79 -19.30
CA ALA D 60 19.75 -18.44 -20.57
C ALA D 60 21.20 -18.84 -20.54
N GLN D 61 21.47 -19.88 -19.76
CA GLN D 61 22.77 -20.54 -19.61
C GLN D 61 22.53 -21.88 -18.97
N THR D 62 23.56 -22.74 -18.96
CA THR D 62 23.41 -24.10 -18.43
C THR D 62 23.32 -24.08 -16.89
N ALA D 63 22.67 -25.11 -16.37
CA ALA D 63 22.55 -25.32 -14.91
C ALA D 63 23.94 -25.45 -14.29
N GLY D 64 24.83 -26.18 -14.99
CA GLY D 64 26.24 -26.31 -14.60
C GLY D 64 26.94 -24.98 -14.39
N ASN D 65 26.74 -24.04 -15.30
CA ASN D 65 27.36 -22.73 -15.21
C ASN D 65 26.73 -21.83 -14.17
N VAL D 66 25.41 -21.87 -14.06
CA VAL D 66 24.73 -21.16 -13.01
C VAL D 66 25.29 -21.65 -11.66
N PHE D 67 25.33 -22.97 -11.48
CA PHE D 67 25.89 -23.53 -10.27
C PHE D 67 27.31 -23.04 -10.00
N LEU D 68 28.15 -23.06 -11.03
CA LEU D 68 29.54 -22.69 -10.87
C LEU D 68 29.70 -21.22 -10.53
N LYS D 69 28.93 -20.36 -11.19
CA LYS D 69 29.03 -18.92 -10.92
C LYS D 69 28.31 -18.48 -9.65
N HIS D 70 27.17 -19.12 -9.34
CA HIS D 70 26.36 -18.64 -8.22
C HIS D 70 26.04 -19.63 -7.11
N GLY D 71 26.30 -20.94 -7.30
CA GLY D 71 26.06 -21.88 -6.22
C GLY D 71 24.61 -22.31 -6.26
N SER D 72 24.17 -22.86 -5.14
CA SER D 72 22.88 -23.55 -5.07
C SER D 72 21.67 -22.65 -4.67
N GLU D 73 21.92 -21.53 -4.00
CA GLU D 73 20.88 -20.76 -3.27
C GLU D 73 20.36 -19.64 -4.15
N LEU D 74 19.25 -19.88 -4.82
CA LEU D 74 18.72 -18.86 -5.74
C LEU D 74 17.32 -18.50 -5.34
N ARG D 75 16.85 -17.37 -5.85
CA ARG D 75 15.61 -16.74 -5.39
C ARG D 75 14.76 -16.26 -6.57
N ILE D 76 13.53 -16.72 -6.65
CA ILE D 76 12.59 -16.28 -7.69
C ILE D 76 11.94 -14.97 -7.23
N ILE D 77 11.90 -14.00 -8.14
CA ILE D 77 11.13 -12.80 -8.01
C ILE D 77 10.08 -12.69 -9.11
N PRO D 78 8.86 -12.16 -8.82
CA PRO D 78 7.88 -11.88 -9.88
C PRO D 78 8.37 -10.67 -10.69
N ARG D 79 8.02 -10.63 -11.96
CA ARG D 79 8.21 -9.43 -12.80
C ARG D 79 6.84 -9.10 -13.34
N ASP D 80 6.04 -8.44 -12.51
CA ASP D 80 4.64 -8.21 -12.80
C ASP D 80 4.47 -7.35 -14.04
N ARG D 81 3.67 -7.81 -14.99
CA ARG D 81 3.74 -7.28 -16.40
C ARG D 81 2.68 -6.23 -16.73
N VAL D 82 1.55 -6.25 -16.01
CA VAL D 82 0.42 -5.38 -16.34
C VAL D 82 0.72 -3.97 -15.75
N GLY D 83 0.06 -2.96 -16.29
CA GLY D 83 0.14 -1.59 -15.77
C GLY D 83 -1.10 -0.81 -16.20
#